data_7NMD
#
_entry.id   7NMD
#
_cell.length_a   79.543
_cell.length_b   48.662
_cell.length_c   123.141
_cell.angle_alpha   90.000
_cell.angle_beta   105.450
_cell.angle_gamma   90.000
#
_symmetry.space_group_name_H-M   'P 1 21 1'
#
loop_
_entity.id
_entity.type
_entity.pdbx_description
1 polymer 'MHC class I antigen'
2 polymer 'Human MHC Class I, beta 2 microglobulin'
3 polymer GLN-LEU-PRO-ARG-LEU-PHE-PRO-LEU-LEU
4 non-polymer 1,2-ETHANEDIOL
5 non-polymer DI(HYDROXYETHYL)ETHER
6 non-polymer 'SULFATE ION'
7 water water
#
loop_
_entity_poly.entity_id
_entity_poly.type
_entity_poly.pdbx_seq_one_letter_code
_entity_poly.pdbx_strand_id
1 'polypeptide(L)'
;GSHSMRYFSTSVSRPGRGEPRFIAVGYVDDTQFVRFDSDAASQRMEPRAPWIEQEGPEYWDEETGKVKAHSQTDRENLRI
ALRYYNQSEAGSHTLQMMFGCDVGSDGRFLRGYHQYAYDGKDYIALKEDLRSWTAADMAAQITKRKWEAAHVAEQQRAYL
EGTCVDGLRRYLENGKETLQRTDPPKTHMTHHPISDHEATLRCWALGFYPAEITLTWQRDGEDQTQDTELVETRPAGDGT
FQKWAAVVVPSGEEQRYTCHVQHEGLPKPLTLRWEP
;
A,D
2 'polypeptide(L)'
;MIQRTPKIQVYSRHPAENGKSNFLNCYVSGFHPSDIEVDLLKNGERIEKVEHSDLSFSKDWSFYLLYYTEFTPTEKDEYA
CRVNHVTLSQPKIVKWDRDM
;
B,E
3 'polypeptide(L)' QLPRLFPLL C,F
#
# COMPACT_ATOMS: atom_id res chain seq x y z
N GLY A 1 -37.31 6.47 -11.40
CA GLY A 1 -36.91 5.73 -12.61
C GLY A 1 -36.78 4.26 -12.30
N SER A 2 -36.37 3.46 -13.29
CA SER A 2 -36.14 2.01 -13.16
C SER A 2 -35.03 1.76 -12.16
N HIS A 3 -34.98 0.55 -11.63
CA HIS A 3 -33.91 0.05 -10.72
C HIS A 3 -33.57 -1.38 -11.13
N SER A 4 -32.34 -1.79 -10.83
CA SER A 4 -31.78 -3.12 -11.18
C SER A 4 -31.17 -3.71 -9.92
N MET A 5 -31.28 -5.02 -9.72
CA MET A 5 -30.40 -5.78 -8.81
C MET A 5 -29.60 -6.77 -9.65
N ARG A 6 -28.32 -6.91 -9.36
CA ARG A 6 -27.38 -7.75 -10.13
C ARG A 6 -26.49 -8.43 -9.11
N TYR A 7 -26.37 -9.74 -9.20
CA TYR A 7 -25.28 -10.50 -8.57
C TYR A 7 -24.29 -10.89 -9.66
N PHE A 8 -23.00 -10.65 -9.39
CA PHE A 8 -21.88 -10.99 -10.26
C PHE A 8 -20.96 -11.92 -9.52
N SER A 9 -20.64 -13.08 -10.07
CA SER A 9 -19.74 -14.07 -9.45
C SER A 9 -18.58 -14.39 -10.40
N THR A 10 -17.38 -14.60 -9.84
CA THR A 10 -16.15 -14.95 -10.61
C THR A 10 -15.51 -16.13 -9.91
N SER A 11 -15.34 -17.24 -10.64
CA SER A 11 -14.62 -18.44 -10.18
C SER A 11 -13.38 -18.58 -11.04
N VAL A 12 -12.21 -18.68 -10.41
CA VAL A 12 -10.90 -18.79 -11.10
C VAL A 12 -10.18 -20.03 -10.58
N SER A 13 -9.92 -21.00 -11.43
CA SER A 13 -9.11 -22.18 -11.05
C SER A 13 -7.66 -21.78 -10.88
N ARG A 14 -6.93 -22.50 -10.07
CA ARG A 14 -5.48 -22.28 -9.91
C ARG A 14 -4.83 -23.62 -9.58
N PRO A 15 -4.72 -24.51 -10.58
CA PRO A 15 -4.19 -25.85 -10.36
C PRO A 15 -2.88 -25.85 -9.56
N GLY A 16 -2.76 -26.80 -8.63
CA GLY A 16 -1.62 -26.93 -7.68
C GLY A 16 -1.59 -25.85 -6.61
N ARG A 17 -2.58 -24.96 -6.55
CA ARG A 17 -2.62 -23.82 -5.58
C ARG A 17 -3.95 -23.84 -4.81
N GLY A 18 -4.59 -25.02 -4.70
CA GLY A 18 -5.86 -25.21 -3.97
C GLY A 18 -7.11 -25.12 -4.85
N GLU A 19 -8.28 -25.08 -4.21
CA GLU A 19 -9.59 -24.96 -4.90
C GLU A 19 -9.69 -23.58 -5.53
N PRO A 20 -10.48 -23.45 -6.59
CA PRO A 20 -10.65 -22.16 -7.22
C PRO A 20 -11.08 -21.05 -6.24
N ARG A 21 -10.62 -19.83 -6.49
CA ARG A 21 -11.11 -18.60 -5.85
C ARG A 21 -12.52 -18.30 -6.36
N PHE A 22 -13.48 -18.13 -5.46
CA PHE A 22 -14.84 -17.66 -5.78
C PHE A 22 -15.07 -16.30 -5.12
N ILE A 23 -15.30 -15.26 -5.92
CA ILE A 23 -15.72 -13.91 -5.49
C ILE A 23 -17.18 -13.69 -5.97
N ALA A 24 -18.09 -13.30 -5.08
CA ALA A 24 -19.44 -12.83 -5.44
C ALA A 24 -19.62 -11.41 -4.90
N VAL A 25 -20.32 -10.62 -5.66
CA VAL A 25 -20.57 -9.18 -5.42
C VAL A 25 -22.02 -8.88 -5.84
N GLY A 26 -22.78 -8.18 -5.00
CA GLY A 26 -24.18 -7.79 -5.24
C GLY A 26 -24.30 -6.30 -5.38
N TYR A 27 -25.07 -5.83 -6.36
CA TYR A 27 -25.32 -4.42 -6.68
C TYR A 27 -26.83 -4.13 -6.75
N VAL A 28 -27.19 -2.93 -6.33
CA VAL A 28 -28.46 -2.26 -6.70
C VAL A 28 -28.06 -1.01 -7.48
N ASP A 29 -28.48 -0.94 -8.74
CA ASP A 29 -27.99 0.04 -9.73
C ASP A 29 -26.46 0.07 -9.65
N ASP A 30 -25.88 1.19 -9.26
CA ASP A 30 -24.43 1.42 -9.35
C ASP A 30 -23.84 1.38 -7.93
N THR A 31 -24.53 0.80 -6.97
CA THR A 31 -24.12 0.76 -5.54
C THR A 31 -24.00 -0.69 -5.09
N GLN A 32 -22.82 -1.08 -4.64
CA GLN A 32 -22.54 -2.43 -4.15
C GLN A 32 -23.12 -2.55 -2.73
N PHE A 33 -23.60 -3.73 -2.34
CA PHE A 33 -24.20 -3.92 -1.00
C PHE A 33 -23.69 -5.19 -0.33
N VAL A 34 -23.15 -6.17 -1.04
CA VAL A 34 -22.63 -7.40 -0.39
C VAL A 34 -21.39 -7.89 -1.11
N ARG A 35 -20.62 -8.71 -0.42
CA ARG A 35 -19.57 -9.50 -1.09
C ARG A 35 -19.42 -10.83 -0.41
N PHE A 36 -18.73 -11.72 -1.09
CA PHE A 36 -18.25 -12.97 -0.52
C PHE A 36 -16.98 -13.31 -1.23
N ASP A 37 -16.00 -13.79 -0.51
CA ASP A 37 -14.66 -14.11 -1.04
C ASP A 37 -14.21 -15.33 -0.28
N SER A 38 -14.07 -16.43 -0.98
CA SER A 38 -13.78 -17.77 -0.44
C SER A 38 -12.39 -17.78 0.19
N ASP A 39 -11.55 -16.81 -0.15
CA ASP A 39 -10.17 -16.66 0.41
C ASP A 39 -10.15 -15.87 1.71
N ALA A 40 -11.20 -15.11 2.02
CA ALA A 40 -11.23 -14.23 3.23
C ALA A 40 -11.54 -15.08 4.48
N ALA A 41 -11.09 -14.65 5.67
CA ALA A 41 -11.17 -15.41 6.94
C ALA A 41 -12.64 -15.60 7.40
N SER A 42 -13.52 -14.58 7.27
CA SER A 42 -14.92 -14.60 7.81
C SER A 42 -15.68 -15.85 7.29
N GLN A 43 -15.57 -16.15 6.02
CA GLN A 43 -16.33 -17.29 5.48
C GLN A 43 -17.82 -16.92 5.60
N ARG A 44 -18.12 -15.63 5.37
CA ARG A 44 -19.45 -15.00 5.57
C ARG A 44 -19.72 -14.09 4.41
N MET A 45 -20.98 -13.97 4.00
CA MET A 45 -21.42 -12.85 3.18
C MET A 45 -21.29 -11.59 4.03
N GLU A 46 -20.73 -10.52 3.47
CA GLU A 46 -20.40 -9.28 4.22
C GLU A 46 -21.14 -8.07 3.63
N PRO A 47 -21.58 -7.14 4.50
CA PRO A 47 -22.19 -5.90 4.04
C PRO A 47 -21.13 -4.98 3.38
N ARG A 48 -21.52 -4.29 2.31
CA ARG A 48 -20.67 -3.27 1.66
C ARG A 48 -21.41 -1.95 1.49
N ALA A 49 -22.58 -1.83 2.08
CA ALA A 49 -23.38 -0.60 2.12
C ALA A 49 -24.00 -0.51 3.50
N PRO A 50 -24.07 0.71 4.08
CA PRO A 50 -24.64 0.87 5.43
C PRO A 50 -26.03 0.26 5.54
N TRP A 51 -26.86 0.46 4.52
CA TRP A 51 -28.32 0.20 4.62
C TRP A 51 -28.63 -1.31 4.66
N ILE A 52 -27.75 -2.17 4.16
CA ILE A 52 -28.01 -3.64 4.19
C ILE A 52 -27.76 -4.17 5.61
N GLU A 53 -27.14 -3.35 6.47
CA GLU A 53 -26.91 -3.73 7.90
C GLU A 53 -28.23 -3.73 8.67
N GLN A 54 -29.29 -3.15 8.11
CA GLN A 54 -30.68 -3.18 8.67
C GLN A 54 -31.31 -4.55 8.51
N GLU A 55 -30.90 -5.39 7.55
CA GLU A 55 -31.48 -6.77 7.41
C GLU A 55 -31.31 -7.50 8.75
N GLY A 56 -32.18 -8.37 9.15
CA GLY A 56 -31.94 -9.10 10.43
C GLY A 56 -30.67 -9.98 10.37
N PRO A 57 -30.21 -10.54 11.51
CA PRO A 57 -29.20 -11.60 11.50
C PRO A 57 -29.57 -12.86 10.68
N GLU A 58 -30.84 -13.25 10.62
CA GLU A 58 -31.30 -14.46 9.84
C GLU A 58 -30.84 -14.28 8.38
N TYR A 59 -30.97 -13.08 7.83
CA TYR A 59 -30.54 -12.72 6.45
C TYR A 59 -29.09 -13.15 6.17
N TRP A 60 -28.18 -12.80 7.08
CA TRP A 60 -26.72 -13.03 6.91
C TRP A 60 -26.47 -14.53 6.90
N ASP A 61 -27.15 -15.31 7.72
CA ASP A 61 -26.99 -16.79 7.79
C ASP A 61 -27.50 -17.34 6.45
N GLU A 62 -28.65 -16.85 5.97
CA GLU A 62 -29.32 -17.41 4.77
C GLU A 62 -28.49 -17.12 3.53
N GLU A 63 -28.04 -15.86 3.36
CA GLU A 63 -27.24 -15.46 2.19
C GLU A 63 -25.89 -16.17 2.23
N THR A 64 -25.32 -16.38 3.41
CA THR A 64 -24.04 -17.09 3.52
C THR A 64 -24.24 -18.54 3.05
N GLY A 65 -25.26 -19.24 3.53
CA GLY A 65 -25.62 -20.58 3.05
C GLY A 65 -25.69 -20.64 1.52
N LYS A 66 -26.42 -19.72 0.94
CA LYS A 66 -26.76 -19.78 -0.47
C LYS A 66 -25.50 -19.46 -1.31
N VAL A 67 -24.68 -18.51 -0.88
CA VAL A 67 -23.53 -18.07 -1.72
C VAL A 67 -22.48 -19.16 -1.65
N LYS A 68 -22.45 -19.93 -0.55
CA LYS A 68 -21.56 -21.09 -0.39
C LYS A 68 -22.02 -22.22 -1.34
N ALA A 69 -23.32 -22.46 -1.45
CA ALA A 69 -23.89 -23.43 -2.42
C ALA A 69 -23.51 -22.97 -3.84
N HIS A 70 -23.68 -21.69 -4.18
CA HIS A 70 -23.24 -21.16 -5.48
C HIS A 70 -21.78 -21.54 -5.70
N SER A 71 -20.98 -21.32 -4.68
CA SER A 71 -19.51 -21.54 -4.66
C SER A 71 -19.20 -22.98 -5.06
N GLN A 72 -19.75 -23.94 -4.32
CA GLN A 72 -19.45 -25.38 -4.49
C GLN A 72 -19.90 -25.77 -5.88
N THR A 73 -20.97 -25.12 -6.37
CA THR A 73 -21.58 -25.45 -7.68
C THR A 73 -20.68 -24.94 -8.81
N ASP A 74 -20.20 -23.71 -8.72
CA ASP A 74 -19.40 -23.14 -9.82
C ASP A 74 -17.98 -23.75 -9.80
N ARG A 75 -17.52 -24.27 -8.67
CA ARG A 75 -16.25 -25.04 -8.60
C ARG A 75 -16.42 -26.30 -9.45
N GLU A 76 -17.53 -26.98 -9.31
CA GLU A 76 -17.81 -28.18 -10.11
C GLU A 76 -18.03 -27.79 -11.57
N ASN A 77 -18.65 -26.63 -11.84
CA ASN A 77 -18.98 -26.17 -13.21
C ASN A 77 -17.68 -25.85 -13.97
N LEU A 78 -16.61 -25.48 -13.25
CA LEU A 78 -15.29 -25.28 -13.87
C LEU A 78 -14.78 -26.62 -14.39
N ARG A 79 -14.91 -27.68 -13.58
CA ARG A 79 -14.48 -29.04 -13.98
C ARG A 79 -15.37 -29.56 -15.11
N ILE A 80 -16.67 -29.24 -15.14
CA ILE A 80 -17.56 -29.72 -16.25
C ILE A 80 -17.14 -29.01 -17.52
N ALA A 81 -16.89 -27.69 -17.48
CA ALA A 81 -16.47 -26.90 -18.65
C ALA A 81 -15.18 -27.48 -19.23
N LEU A 82 -14.20 -27.86 -18.39
CA LEU A 82 -12.95 -28.55 -18.82
C LEU A 82 -13.31 -29.70 -19.74
N ARG A 83 -14.19 -30.60 -19.28
CA ARG A 83 -14.60 -31.81 -20.03
C ARG A 83 -15.17 -31.37 -21.38
N TYR A 84 -16.21 -30.54 -21.38
CA TYR A 84 -16.91 -30.10 -22.61
C TYR A 84 -15.90 -29.56 -23.62
N TYR A 85 -14.92 -28.73 -23.18
CA TYR A 85 -13.93 -28.08 -24.09
C TYR A 85 -12.66 -28.94 -24.24
N ASN A 86 -12.56 -30.03 -23.51
CA ASN A 86 -11.44 -30.99 -23.60
C ASN A 86 -10.11 -30.26 -23.37
N GLN A 87 -9.96 -29.69 -22.18
CA GLN A 87 -8.82 -28.82 -21.77
C GLN A 87 -8.04 -29.52 -20.64
N SER A 88 -6.75 -29.20 -20.49
CA SER A 88 -5.85 -29.81 -19.47
C SER A 88 -6.14 -29.21 -18.09
N GLU A 89 -5.76 -29.94 -17.04
CA GLU A 89 -5.82 -29.46 -15.63
C GLU A 89 -4.61 -28.56 -15.30
N ALA A 90 -3.70 -28.33 -16.25
CA ALA A 90 -2.46 -27.53 -16.09
C ALA A 90 -2.75 -26.01 -16.15
N GLY A 91 -3.92 -25.60 -16.65
CA GLY A 91 -4.25 -24.18 -16.95
C GLY A 91 -5.34 -23.57 -16.08
N SER A 92 -5.25 -22.27 -15.84
CA SER A 92 -6.25 -21.48 -15.07
C SER A 92 -7.42 -21.09 -16.00
N HIS A 93 -8.66 -21.28 -15.55
CA HIS A 93 -9.88 -20.83 -16.29
C HIS A 93 -10.82 -20.04 -15.39
N THR A 94 -11.74 -19.33 -16.02
CA THR A 94 -12.66 -18.37 -15.37
C THR A 94 -14.09 -18.72 -15.76
N LEU A 95 -14.96 -18.86 -14.77
CA LEU A 95 -16.43 -18.93 -14.97
C LEU A 95 -17.06 -17.70 -14.29
N GLN A 96 -17.71 -16.86 -15.07
CA GLN A 96 -18.46 -15.70 -14.57
C GLN A 96 -19.95 -15.99 -14.70
N MET A 97 -20.70 -15.55 -13.69
CA MET A 97 -22.17 -15.60 -13.68
C MET A 97 -22.71 -14.21 -13.32
N MET A 98 -23.79 -13.83 -13.96
CA MET A 98 -24.58 -12.63 -13.67
C MET A 98 -26.06 -13.03 -13.60
N PHE A 99 -26.80 -12.50 -12.66
CA PHE A 99 -28.28 -12.64 -12.67
C PHE A 99 -28.89 -11.50 -11.87
N GLY A 100 -30.21 -11.39 -12.00
CA GLY A 100 -31.05 -10.40 -11.28
C GLY A 100 -32.13 -9.81 -12.17
N CYS A 101 -32.78 -8.77 -11.66
CA CYS A 101 -34.12 -8.28 -12.08
C CYS A 101 -34.11 -6.77 -12.19
N ASP A 102 -34.95 -6.24 -13.08
CA ASP A 102 -35.29 -4.81 -13.21
C ASP A 102 -36.75 -4.58 -12.76
N VAL A 103 -36.99 -3.46 -12.06
CA VAL A 103 -38.35 -2.97 -11.72
C VAL A 103 -38.49 -1.53 -12.22
N GLY A 104 -39.71 -1.15 -12.65
CA GLY A 104 -40.08 0.24 -13.01
C GLY A 104 -40.15 1.13 -11.77
N SER A 105 -40.43 2.42 -11.95
CA SER A 105 -40.60 3.38 -10.81
C SER A 105 -41.84 3.01 -9.98
N ASP A 106 -42.78 2.27 -10.59
CA ASP A 106 -44.00 1.70 -9.95
C ASP A 106 -43.62 0.46 -9.09
N GLY A 107 -42.41 -0.08 -9.26
CA GLY A 107 -41.94 -1.26 -8.51
C GLY A 107 -42.32 -2.59 -9.15
N ARG A 108 -43.00 -2.59 -10.30
CA ARG A 108 -43.42 -3.80 -11.04
C ARG A 108 -42.21 -4.43 -11.74
N PHE A 109 -42.15 -5.76 -11.78
CA PHE A 109 -41.17 -6.54 -12.57
C PHE A 109 -41.13 -6.05 -14.01
N LEU A 110 -39.93 -5.88 -14.56
CA LEU A 110 -39.70 -5.35 -15.93
C LEU A 110 -38.97 -6.39 -16.79
N ARG A 111 -37.98 -7.09 -16.21
CA ARG A 111 -36.88 -7.76 -16.96
C ARG A 111 -36.05 -8.63 -16.00
N GLY A 112 -35.66 -9.81 -16.48
CA GLY A 112 -34.90 -10.82 -15.74
C GLY A 112 -33.70 -11.27 -16.54
N TYR A 113 -32.64 -11.68 -15.86
CA TYR A 113 -31.31 -11.98 -16.46
C TYR A 113 -30.67 -13.14 -15.72
N HIS A 114 -30.02 -14.03 -16.46
CA HIS A 114 -29.28 -15.17 -15.88
C HIS A 114 -28.35 -15.76 -16.92
N GLN A 115 -27.06 -15.47 -16.82
CA GLN A 115 -26.10 -15.78 -17.87
C GLN A 115 -24.70 -16.07 -17.29
N TYR A 116 -23.95 -16.82 -18.10
CA TYR A 116 -22.61 -17.33 -17.81
C TYR A 116 -21.67 -16.92 -18.93
N ALA A 117 -20.41 -16.81 -18.59
CA ALA A 117 -19.25 -16.60 -19.48
C ALA A 117 -18.15 -17.54 -19.01
N TYR A 118 -17.52 -18.23 -19.96
CA TYR A 118 -16.32 -19.06 -19.75
C TYR A 118 -15.15 -18.39 -20.47
N ASP A 119 -14.08 -18.12 -19.73
CA ASP A 119 -12.83 -17.52 -20.24
C ASP A 119 -13.17 -16.21 -20.97
N GLY A 120 -14.12 -15.43 -20.42
CA GLY A 120 -14.48 -14.07 -20.88
C GLY A 120 -15.39 -14.05 -22.10
N LYS A 121 -15.84 -15.22 -22.57
CA LYS A 121 -16.77 -15.35 -23.73
C LYS A 121 -18.14 -15.88 -23.26
N ASP A 122 -19.21 -15.28 -23.77
CA ASP A 122 -20.62 -15.77 -23.65
C ASP A 122 -20.61 -17.29 -23.76
N TYR A 123 -21.28 -17.93 -22.82
CA TYR A 123 -21.50 -19.39 -22.77
C TYR A 123 -22.99 -19.66 -22.99
N ILE A 124 -23.82 -19.32 -22.01
CA ILE A 124 -25.29 -19.49 -22.10
C ILE A 124 -25.95 -18.28 -21.46
N ALA A 125 -27.11 -17.86 -21.96
CA ALA A 125 -27.97 -16.83 -21.35
C ALA A 125 -29.46 -17.22 -21.44
N LEU A 126 -30.20 -17.03 -20.34
CA LEU A 126 -31.68 -16.99 -20.28
C LEU A 126 -32.17 -15.83 -21.14
N LYS A 127 -33.09 -16.10 -22.08
CA LYS A 127 -33.61 -15.08 -23.04
C LYS A 127 -34.69 -14.25 -22.33
N GLU A 128 -35.03 -13.10 -22.91
CA GLU A 128 -35.97 -12.10 -22.34
C GLU A 128 -37.25 -12.79 -21.84
N ASP A 129 -37.74 -13.83 -22.53
CA ASP A 129 -39.05 -14.46 -22.19
C ASP A 129 -38.91 -15.28 -20.91
N LEU A 130 -37.70 -15.51 -20.45
CA LEU A 130 -37.41 -16.31 -19.22
C LEU A 130 -37.99 -17.72 -19.37
N ARG A 131 -38.06 -18.22 -20.59
CA ARG A 131 -38.64 -19.54 -20.92
C ARG A 131 -37.70 -20.32 -21.81
N SER A 132 -36.61 -19.72 -22.27
CA SER A 132 -35.70 -20.27 -23.32
C SER A 132 -34.26 -19.74 -23.15
N TRP A 133 -33.29 -20.41 -23.77
CA TRP A 133 -31.83 -20.21 -23.58
C TRP A 133 -31.17 -19.90 -24.91
N THR A 134 -30.23 -18.93 -24.92
CA THR A 134 -29.24 -18.73 -26.00
C THR A 134 -27.92 -19.40 -25.58
N ALA A 135 -27.42 -20.37 -26.35
CA ALA A 135 -26.11 -21.06 -26.17
C ALA A 135 -25.16 -20.58 -27.27
N ALA A 136 -23.95 -20.17 -26.90
CA ALA A 136 -22.91 -19.58 -27.78
C ALA A 136 -22.25 -20.66 -28.67
N ASP A 137 -22.19 -21.93 -28.24
CA ASP A 137 -21.46 -23.00 -28.97
C ASP A 137 -22.03 -24.37 -28.62
N MET A 138 -21.42 -25.44 -29.10
CA MET A 138 -21.91 -26.82 -28.93
C MET A 138 -21.78 -27.24 -27.47
N ALA A 139 -20.78 -26.76 -26.75
CA ALA A 139 -20.63 -27.10 -25.31
C ALA A 139 -21.83 -26.53 -24.55
N ALA A 140 -22.19 -25.29 -24.81
CA ALA A 140 -23.35 -24.61 -24.15
C ALA A 140 -24.67 -25.29 -24.58
N GLN A 141 -24.72 -25.86 -25.79
CA GLN A 141 -25.91 -26.63 -26.30
C GLN A 141 -26.09 -27.89 -25.43
N ILE A 142 -25.02 -28.46 -24.87
CA ILE A 142 -25.13 -29.58 -23.89
C ILE A 142 -25.85 -29.03 -22.67
N THR A 143 -25.43 -27.87 -22.20
CA THR A 143 -26.01 -27.27 -20.99
C THR A 143 -27.49 -26.95 -21.28
N LYS A 144 -27.75 -26.30 -22.42
CA LYS A 144 -29.11 -25.89 -22.86
C LYS A 144 -30.07 -27.08 -22.81
N ARG A 145 -29.64 -28.26 -23.23
CA ARG A 145 -30.55 -29.45 -23.31
C ARG A 145 -30.81 -29.98 -21.90
N LYS A 146 -29.76 -30.13 -21.12
CA LYS A 146 -29.85 -30.48 -19.67
C LYS A 146 -30.84 -29.55 -18.96
N TRP A 147 -30.79 -28.26 -19.22
CA TRP A 147 -31.58 -27.24 -18.48
C TRP A 147 -33.04 -27.21 -18.96
N GLU A 148 -33.27 -27.42 -20.25
CA GLU A 148 -34.62 -27.67 -20.81
C GLU A 148 -35.21 -28.91 -20.15
N ALA A 149 -34.46 -30.04 -20.15
CA ALA A 149 -34.97 -31.34 -19.61
C ALA A 149 -35.32 -31.17 -18.14
N ALA A 150 -34.56 -30.36 -17.37
CA ALA A 150 -34.74 -30.24 -15.91
C ALA A 150 -35.61 -29.04 -15.53
N HIS A 151 -36.22 -28.36 -16.50
CA HIS A 151 -37.06 -27.15 -16.28
C HIS A 151 -36.28 -26.08 -15.49
N VAL A 152 -35.05 -25.75 -15.87
CA VAL A 152 -34.26 -24.73 -15.14
C VAL A 152 -34.84 -23.35 -15.41
N ALA A 153 -35.27 -23.05 -16.65
CA ALA A 153 -35.84 -21.73 -17.00
C ALA A 153 -37.02 -21.43 -16.06
N GLU A 154 -37.85 -22.42 -15.74
CA GLU A 154 -39.06 -22.26 -14.90
C GLU A 154 -38.63 -21.92 -13.46
N GLN A 155 -37.63 -22.58 -12.90
CA GLN A 155 -37.16 -22.32 -11.52
C GLN A 155 -36.61 -20.89 -11.43
N GLN A 156 -35.84 -20.46 -12.43
CA GLN A 156 -35.14 -19.14 -12.45
C GLN A 156 -36.17 -18.03 -12.69
N ARG A 157 -37.13 -18.24 -13.58
CA ARG A 157 -38.25 -17.30 -13.80
C ARG A 157 -38.94 -16.97 -12.46
N ALA A 158 -39.31 -17.99 -11.69
CA ALA A 158 -40.10 -17.87 -10.45
C ALA A 158 -39.30 -17.09 -9.40
N TYR A 159 -37.97 -17.21 -9.42
CA TYR A 159 -37.09 -16.42 -8.52
C TYR A 159 -37.03 -14.96 -9.05
N LEU A 160 -36.80 -14.75 -10.35
CA LEU A 160 -36.55 -13.40 -10.92
C LEU A 160 -37.81 -12.54 -10.82
N GLU A 161 -39.00 -13.16 -11.01
CA GLU A 161 -40.33 -12.47 -10.98
C GLU A 161 -40.81 -12.37 -9.51
N GLY A 162 -40.21 -13.15 -8.60
CA GLY A 162 -40.64 -13.29 -7.21
C GLY A 162 -39.62 -12.72 -6.23
N THR A 163 -38.82 -13.57 -5.59
CA THR A 163 -37.89 -13.22 -4.49
C THR A 163 -36.99 -12.05 -4.91
N CYS A 164 -36.38 -12.12 -6.09
CA CYS A 164 -35.52 -11.06 -6.68
C CYS A 164 -36.18 -9.69 -6.58
N VAL A 165 -37.42 -9.52 -7.07
CA VAL A 165 -38.10 -8.18 -7.09
C VAL A 165 -38.47 -7.82 -5.65
N ASP A 166 -38.89 -8.80 -4.86
CA ASP A 166 -39.24 -8.58 -3.44
C ASP A 166 -38.02 -7.97 -2.76
N GLY A 167 -36.86 -8.57 -3.00
CA GLY A 167 -35.58 -8.19 -2.39
C GLY A 167 -35.17 -6.80 -2.83
N LEU A 168 -35.20 -6.54 -4.13
CA LEU A 168 -34.86 -5.23 -4.71
C LEU A 168 -35.75 -4.13 -4.12
N ARG A 169 -37.05 -4.40 -3.96
CA ARG A 169 -38.00 -3.38 -3.45
C ARG A 169 -37.76 -3.12 -1.96
N ARG A 170 -37.50 -4.17 -1.19
CA ARG A 170 -37.15 -4.00 0.25
C ARG A 170 -35.87 -3.13 0.36
N TYR A 171 -34.88 -3.39 -0.49
CA TYR A 171 -33.57 -2.70 -0.48
C TYR A 171 -33.79 -1.24 -0.82
N LEU A 172 -34.59 -0.96 -1.84
CA LEU A 172 -34.93 0.40 -2.28
C LEU A 172 -35.61 1.17 -1.15
N GLU A 173 -36.32 0.50 -0.24
CA GLU A 173 -36.98 1.17 0.91
C GLU A 173 -35.96 1.36 2.03
N ASN A 174 -35.29 0.29 2.45
CA ASN A 174 -34.34 0.33 3.58
C ASN A 174 -33.17 1.30 3.25
N GLY A 175 -32.82 1.45 1.99
CA GLY A 175 -31.70 2.29 1.55
C GLY A 175 -32.15 3.48 0.74
N LYS A 176 -33.37 3.94 0.95
CA LYS A 176 -33.98 5.00 0.13
C LYS A 176 -33.06 6.22 0.04
N GLU A 177 -32.52 6.73 1.18
CA GLU A 177 -31.56 7.89 1.30
C GLU A 177 -30.45 7.77 0.22
N THR A 178 -29.90 6.56 0.05
CA THR A 178 -28.78 6.20 -0.85
C THR A 178 -29.32 5.95 -2.26
N LEU A 179 -30.13 4.90 -2.40
CA LEU A 179 -30.42 4.23 -3.70
C LEU A 179 -31.32 5.08 -4.57
N GLN A 180 -32.24 5.85 -3.97
CA GLN A 180 -33.27 6.59 -4.74
C GLN A 180 -32.85 8.04 -4.90
N ARG A 181 -31.75 8.43 -4.28
CA ARG A 181 -31.17 9.80 -4.46
C ARG A 181 -30.86 9.96 -5.94
N THR A 182 -30.76 11.18 -6.38
CA THR A 182 -30.35 11.51 -7.74
C THR A 182 -29.43 12.73 -7.61
N ASP A 183 -28.10 12.52 -7.58
CA ASP A 183 -27.10 13.63 -7.48
C ASP A 183 -26.82 14.15 -8.88
N PRO A 184 -27.32 15.33 -9.26
CA PRO A 184 -26.99 15.89 -10.56
C PRO A 184 -25.49 16.12 -10.65
N PRO A 185 -24.91 16.04 -11.86
CA PRO A 185 -23.52 16.34 -12.04
C PRO A 185 -23.30 17.84 -11.79
N LYS A 186 -22.21 18.16 -11.09
CA LYS A 186 -21.67 19.52 -11.02
C LYS A 186 -20.72 19.69 -12.21
N THR A 187 -21.00 20.63 -13.10
CA THR A 187 -20.28 20.72 -14.38
C THR A 187 -19.48 22.01 -14.40
N HIS A 188 -18.32 21.98 -15.07
CA HIS A 188 -17.53 23.18 -15.42
C HIS A 188 -16.68 22.85 -16.64
N MET A 189 -16.08 23.87 -17.22
CA MET A 189 -15.24 23.74 -18.40
C MET A 189 -13.87 24.31 -18.07
N THR A 190 -12.81 23.57 -18.39
CA THR A 190 -11.41 24.01 -18.29
C THR A 190 -10.85 24.21 -19.70
N HIS A 191 -9.81 25.04 -19.82
CA HIS A 191 -9.15 25.43 -21.08
C HIS A 191 -7.64 25.22 -20.93
N HIS A 192 -7.03 24.52 -21.88
CA HIS A 192 -5.62 24.05 -21.79
C HIS A 192 -4.92 24.32 -23.12
N PRO A 193 -4.18 25.45 -23.28
CA PRO A 193 -3.47 25.69 -24.53
C PRO A 193 -2.56 24.47 -24.77
N ILE A 194 -2.46 24.06 -26.03
CA ILE A 194 -1.54 23.00 -26.54
C ILE A 194 -0.33 23.67 -27.22
N SER A 195 -0.51 24.92 -27.65
CA SER A 195 0.36 25.66 -28.60
C SER A 195 -0.14 27.11 -28.66
N ASP A 196 0.51 27.94 -29.49
CA ASP A 196 0.05 29.32 -29.79
C ASP A 196 -1.21 29.26 -30.67
N HIS A 197 -1.50 28.08 -31.21
CA HIS A 197 -2.38 27.93 -32.39
C HIS A 197 -3.60 27.07 -32.02
N GLU A 198 -3.53 26.23 -30.98
CA GLU A 198 -4.67 25.34 -30.61
C GLU A 198 -4.78 25.16 -29.10
N ALA A 199 -5.98 24.85 -28.63
CA ALA A 199 -6.28 24.60 -27.21
C ALA A 199 -7.26 23.43 -27.07
N THR A 200 -7.18 22.70 -25.96
CA THR A 200 -8.16 21.66 -25.52
C THR A 200 -9.20 22.31 -24.59
N LEU A 201 -10.48 22.23 -24.94
CA LEU A 201 -11.64 22.52 -24.05
C LEU A 201 -12.05 21.21 -23.44
N ARG A 202 -12.11 21.14 -22.10
CA ARG A 202 -12.47 19.92 -21.37
C ARG A 202 -13.72 20.20 -20.54
N CYS A 203 -14.78 19.41 -20.81
CA CYS A 203 -16.11 19.52 -20.19
C CYS A 203 -16.23 18.44 -19.12
N TRP A 204 -16.60 18.86 -17.91
CA TRP A 204 -16.50 18.02 -16.70
C TRP A 204 -17.88 17.82 -16.09
N ALA A 205 -18.15 16.59 -15.71
CA ALA A 205 -19.28 16.19 -14.88
C ALA A 205 -18.76 15.46 -13.66
N LEU A 206 -19.01 16.00 -12.46
CA LEU A 206 -18.46 15.46 -11.18
C LEU A 206 -19.57 15.24 -10.15
N GLY A 207 -19.36 14.28 -9.25
CA GLY A 207 -20.22 14.06 -8.07
C GLY A 207 -21.60 13.54 -8.42
N PHE A 208 -21.77 12.85 -9.56
CA PHE A 208 -23.12 12.43 -10.02
C PHE A 208 -23.39 10.96 -9.71
N TYR A 209 -24.67 10.68 -9.48
CA TYR A 209 -25.25 9.35 -9.21
C TYR A 209 -26.67 9.37 -9.70
N PRO A 210 -27.12 8.36 -10.45
CA PRO A 210 -26.31 7.19 -10.78
C PRO A 210 -25.34 7.46 -11.95
N ALA A 211 -24.66 6.43 -12.45
CA ALA A 211 -23.47 6.56 -13.32
C ALA A 211 -23.84 6.87 -14.78
N GLU A 212 -24.97 6.41 -15.26
CA GLU A 212 -25.49 6.78 -16.61
C GLU A 212 -25.38 8.30 -16.80
N ILE A 213 -24.72 8.74 -17.85
CA ILE A 213 -24.65 10.18 -18.25
C ILE A 213 -24.23 10.24 -19.72
N THR A 214 -24.54 11.33 -20.41
CA THR A 214 -24.10 11.56 -21.80
C THR A 214 -23.53 12.97 -21.90
N LEU A 215 -22.29 13.05 -22.39
CA LEU A 215 -21.52 14.29 -22.69
C LEU A 215 -21.31 14.35 -24.18
N THR A 216 -21.71 15.44 -24.80
CA THR A 216 -21.64 15.64 -26.25
C THR A 216 -21.06 17.01 -26.55
N TRP A 217 -20.23 17.10 -27.58
CA TRP A 217 -19.69 18.39 -28.08
C TRP A 217 -20.42 18.76 -29.37
N GLN A 218 -20.60 20.06 -29.60
CA GLN A 218 -21.14 20.62 -30.85
C GLN A 218 -20.24 21.77 -31.32
N ARG A 219 -20.23 22.03 -32.62
CA ARG A 219 -19.57 23.20 -33.23
C ARG A 219 -20.59 23.85 -34.17
N ASP A 220 -20.96 25.10 -33.87
CA ASP A 220 -22.06 25.83 -34.54
C ASP A 220 -23.34 24.98 -34.47
N GLY A 221 -23.57 24.27 -33.35
CA GLY A 221 -24.81 23.55 -33.05
C GLY A 221 -24.96 22.24 -33.81
N GLU A 222 -23.87 21.71 -34.40
CA GLU A 222 -23.85 20.36 -35.05
C GLU A 222 -22.88 19.46 -34.29
N ASP A 223 -23.26 18.19 -34.10
CA ASP A 223 -22.52 17.19 -33.29
C ASP A 223 -21.06 17.11 -33.79
N GLN A 224 -20.13 16.79 -32.90
CA GLN A 224 -18.68 16.73 -33.16
C GLN A 224 -18.12 15.50 -32.46
N THR A 225 -17.56 14.58 -33.23
CA THR A 225 -16.78 13.42 -32.75
C THR A 225 -15.36 13.51 -33.36
N GLN A 226 -15.10 14.50 -34.22
CA GLN A 226 -13.75 14.78 -34.76
C GLN A 226 -12.96 15.56 -33.71
N ASP A 227 -11.74 15.08 -33.41
CA ASP A 227 -10.83 15.68 -32.39
C ASP A 227 -11.52 15.70 -31.01
N THR A 228 -12.43 14.74 -30.77
CA THR A 228 -13.20 14.57 -29.51
C THR A 228 -12.69 13.36 -28.73
N GLU A 229 -12.41 13.54 -27.46
CA GLU A 229 -11.95 12.45 -26.57
C GLU A 229 -12.95 12.36 -25.41
N LEU A 230 -13.35 11.15 -25.09
CA LEU A 230 -14.44 10.89 -24.15
C LEU A 230 -13.97 9.77 -23.24
N VAL A 231 -13.73 10.01 -21.96
CA VAL A 231 -13.14 8.95 -21.09
C VAL A 231 -14.29 8.17 -20.49
N GLU A 232 -14.02 6.94 -20.10
CA GLU A 232 -14.93 6.08 -19.35
C GLU A 232 -15.35 6.80 -18.08
N THR A 233 -16.64 6.77 -17.77
CA THR A 233 -17.27 7.13 -16.47
C THR A 233 -16.59 6.32 -15.38
N ARG A 234 -16.22 6.97 -14.28
CA ARG A 234 -15.22 6.45 -13.31
C ARG A 234 -15.70 6.79 -11.91
N PRO A 235 -15.53 5.86 -10.95
CA PRO A 235 -15.96 6.10 -9.58
C PRO A 235 -15.01 7.06 -8.86
N ALA A 236 -15.54 7.98 -8.06
CA ALA A 236 -14.79 8.94 -7.21
C ALA A 236 -14.34 8.25 -5.92
N GLY A 237 -15.07 7.20 -5.51
CA GLY A 237 -14.75 6.33 -4.36
C GLY A 237 -15.62 6.66 -3.16
N ASP A 238 -16.54 7.62 -3.33
CA ASP A 238 -17.43 8.20 -2.29
C ASP A 238 -18.88 7.87 -2.65
N GLY A 239 -19.07 6.94 -3.58
CA GLY A 239 -20.38 6.53 -4.13
C GLY A 239 -20.82 7.38 -5.32
N THR A 240 -20.05 8.39 -5.75
CA THR A 240 -20.43 9.22 -6.92
C THR A 240 -19.51 8.88 -8.08
N PHE A 241 -19.80 9.45 -9.26
CA PHE A 241 -19.10 9.16 -10.53
C PHE A 241 -18.60 10.46 -11.16
N GLN A 242 -17.65 10.30 -12.10
CA GLN A 242 -16.99 11.40 -12.85
C GLN A 242 -16.96 11.04 -14.32
N LYS A 243 -16.99 12.06 -15.17
CA LYS A 243 -16.72 11.87 -16.60
C LYS A 243 -16.26 13.19 -17.17
N TRP A 244 -15.46 13.13 -18.21
CA TRP A 244 -15.18 14.32 -19.05
C TRP A 244 -15.14 13.97 -20.52
N ALA A 245 -15.29 14.99 -21.35
CA ALA A 245 -15.18 14.97 -22.82
C ALA A 245 -14.40 16.20 -23.23
N ALA A 246 -13.52 16.07 -24.23
CA ALA A 246 -12.59 17.14 -24.66
C ALA A 246 -12.62 17.28 -26.17
N VAL A 247 -12.42 18.51 -26.65
CA VAL A 247 -12.17 18.84 -28.08
C VAL A 247 -10.88 19.66 -28.13
N VAL A 248 -10.01 19.39 -29.10
CA VAL A 248 -8.93 20.34 -29.47
C VAL A 248 -9.54 21.30 -30.50
N VAL A 249 -9.32 22.59 -30.31
CA VAL A 249 -10.07 23.68 -30.97
C VAL A 249 -9.06 24.66 -31.57
N PRO A 250 -9.33 25.30 -32.72
CA PRO A 250 -8.53 26.41 -33.18
C PRO A 250 -8.62 27.52 -32.13
N SER A 251 -7.49 27.90 -31.55
CA SER A 251 -7.39 28.99 -30.54
C SER A 251 -8.01 30.25 -31.13
N GLY A 252 -8.90 30.91 -30.38
CA GLY A 252 -9.65 32.08 -30.86
C GLY A 252 -10.98 31.71 -31.47
N GLU A 253 -11.37 30.42 -31.45
CA GLU A 253 -12.67 29.93 -31.99
C GLU A 253 -13.42 29.13 -30.91
N GLU A 254 -13.09 29.35 -29.64
CA GLU A 254 -13.59 28.58 -28.46
C GLU A 254 -15.12 28.67 -28.38
N GLN A 255 -15.67 29.81 -28.76
CA GLN A 255 -17.08 30.17 -28.48
C GLN A 255 -18.01 29.43 -29.44
N ARG A 256 -17.47 28.86 -30.53
CA ARG A 256 -18.23 28.01 -31.49
C ARG A 256 -18.63 26.69 -30.82
N TYR A 257 -17.96 26.33 -29.73
CA TYR A 257 -18.07 24.99 -29.11
C TYR A 257 -18.97 25.06 -27.88
N THR A 258 -20.01 24.21 -27.86
CA THR A 258 -20.94 23.98 -26.75
C THR A 258 -20.83 22.52 -26.30
N CYS A 259 -20.80 22.29 -25.00
CA CYS A 259 -20.82 20.95 -24.37
C CYS A 259 -22.20 20.71 -23.76
N HIS A 260 -22.75 19.49 -23.89
CA HIS A 260 -24.16 19.18 -23.54
C HIS A 260 -24.16 18.00 -22.60
N VAL A 261 -24.78 18.16 -21.42
CA VAL A 261 -24.77 17.18 -20.31
C VAL A 261 -26.18 16.69 -20.06
N GLN A 262 -26.39 15.38 -20.17
CA GLN A 262 -27.68 14.68 -19.96
C GLN A 262 -27.52 13.68 -18.83
N HIS A 263 -28.38 13.77 -17.83
CA HIS A 263 -28.32 13.00 -16.58
C HIS A 263 -29.71 13.02 -15.93
N GLU A 264 -30.11 11.88 -15.38
CA GLU A 264 -31.44 11.64 -14.74
C GLU A 264 -31.72 12.73 -13.68
N GLY A 265 -30.67 13.27 -13.05
CA GLY A 265 -30.72 14.24 -11.93
C GLY A 265 -30.83 15.70 -12.38
N LEU A 266 -30.67 15.97 -13.68
CA LEU A 266 -30.94 17.29 -14.29
C LEU A 266 -32.38 17.34 -14.77
N PRO A 267 -33.16 18.35 -14.34
CA PRO A 267 -34.53 18.49 -14.82
C PRO A 267 -34.56 18.83 -16.31
N LYS A 268 -33.38 19.04 -16.90
CA LYS A 268 -33.20 19.55 -18.28
C LYS A 268 -31.72 19.45 -18.64
N PRO A 269 -31.38 19.08 -19.91
CA PRO A 269 -29.98 19.07 -20.34
C PRO A 269 -29.30 20.44 -20.15
N LEU A 270 -28.02 20.42 -19.76
CA LEU A 270 -27.16 21.63 -19.58
C LEU A 270 -26.36 21.85 -20.86
N THR A 271 -26.25 23.11 -21.29
CA THR A 271 -25.30 23.59 -22.32
C THR A 271 -24.20 24.39 -21.64
N LEU A 272 -22.92 23.97 -21.74
CA LEU A 272 -21.75 24.76 -21.28
C LEU A 272 -21.04 25.34 -22.50
N ARG A 273 -20.60 26.58 -22.40
CA ARG A 273 -19.71 27.26 -23.39
C ARG A 273 -18.49 27.81 -22.64
N TRP A 274 -17.39 28.11 -23.35
CA TRP A 274 -16.16 28.66 -22.72
C TRP A 274 -16.47 30.08 -22.20
N GLU A 275 -16.37 30.24 -20.86
CA GLU A 275 -16.56 31.51 -20.12
C GLU A 275 -15.24 31.86 -19.43
N PRO A 276 -14.42 32.79 -20.00
CA PRO A 276 -13.33 33.43 -19.25
C PRO A 276 -13.85 34.07 -17.94
N MET B 1 -10.48 -18.53 -25.55
CA MET B 1 -10.06 -17.66 -24.43
C MET B 1 -9.84 -16.24 -24.93
N ILE B 2 -10.59 -15.29 -24.39
CA ILE B 2 -10.34 -13.84 -24.57
C ILE B 2 -9.29 -13.37 -23.54
N GLN B 3 -8.41 -12.47 -23.97
CA GLN B 3 -7.54 -11.61 -23.13
C GLN B 3 -7.76 -10.14 -23.52
N ARG B 4 -8.02 -9.27 -22.54
CA ARG B 4 -8.23 -7.82 -22.75
C ARG B 4 -7.26 -7.03 -21.85
N THR B 5 -6.61 -6.03 -22.39
CA THR B 5 -5.56 -5.26 -21.70
C THR B 5 -6.30 -4.19 -20.92
N PRO B 6 -5.91 -3.95 -19.65
CA PRO B 6 -6.54 -2.92 -18.84
C PRO B 6 -6.46 -1.50 -19.43
N LYS B 7 -7.54 -0.76 -19.27
CA LYS B 7 -7.61 0.70 -19.33
C LYS B 7 -7.30 1.23 -17.94
N ILE B 8 -6.62 2.37 -17.86
CA ILE B 8 -6.16 2.95 -16.56
C ILE B 8 -6.52 4.43 -16.55
N GLN B 9 -7.23 4.87 -15.53
CA GLN B 9 -7.38 6.32 -15.22
C GLN B 9 -6.80 6.57 -13.81
N VAL B 10 -5.99 7.62 -13.69
CA VAL B 10 -5.46 8.14 -12.40
C VAL B 10 -5.98 9.57 -12.17
N TYR B 11 -6.64 9.82 -11.05
CA TYR B 11 -7.43 11.07 -10.81
C TYR B 11 -7.67 11.19 -9.31
N SER B 12 -7.95 12.41 -8.87
CA SER B 12 -8.30 12.76 -7.48
C SER B 12 -9.81 12.61 -7.32
N ARG B 13 -10.29 12.29 -6.14
CA ARG B 13 -11.74 12.31 -5.82
C ARG B 13 -12.27 13.74 -5.99
N HIS B 14 -11.57 14.71 -5.45
CA HIS B 14 -11.98 16.15 -5.48
C HIS B 14 -10.99 16.93 -6.31
N PRO B 15 -11.36 18.13 -6.82
CA PRO B 15 -10.40 18.98 -7.52
C PRO B 15 -9.17 19.18 -6.61
N ALA B 16 -7.99 18.85 -7.11
CA ALA B 16 -6.72 19.06 -6.39
C ALA B 16 -6.68 20.51 -5.90
N GLU B 17 -6.38 20.69 -4.62
CA GLU B 17 -5.92 22.00 -4.07
C GLU B 17 -4.70 21.69 -3.22
N ASN B 18 -3.57 22.30 -3.58
CA ASN B 18 -2.25 22.00 -2.97
C ASN B 18 -2.39 22.20 -1.46
N GLY B 19 -2.09 21.15 -0.70
CA GLY B 19 -2.03 21.17 0.77
C GLY B 19 -3.38 20.91 1.40
N LYS B 20 -4.42 20.57 0.64
CA LYS B 20 -5.73 20.09 1.20
C LYS B 20 -5.82 18.57 0.99
N SER B 21 -6.13 17.85 2.06
CA SER B 21 -6.36 16.39 2.09
C SER B 21 -7.39 15.93 1.01
N ASN B 22 -7.03 14.95 0.20
CA ASN B 22 -7.83 14.42 -0.94
C ASN B 22 -7.73 12.88 -0.95
N PHE B 23 -8.18 12.22 -2.02
CA PHE B 23 -7.98 10.77 -2.28
C PHE B 23 -7.43 10.58 -3.68
N LEU B 24 -6.39 9.77 -3.82
CA LEU B 24 -5.79 9.43 -5.13
C LEU B 24 -6.36 8.08 -5.61
N ASN B 25 -7.01 8.11 -6.77
CA ASN B 25 -7.70 6.94 -7.37
C ASN B 25 -6.93 6.44 -8.59
N CYS B 26 -6.85 5.12 -8.70
CA CYS B 26 -6.48 4.41 -9.94
C CYS B 26 -7.60 3.41 -10.30
N TYR B 27 -8.31 3.69 -11.40
CA TYR B 27 -9.43 2.89 -11.93
C TYR B 27 -8.90 2.03 -13.06
N VAL B 28 -8.84 0.71 -12.88
CA VAL B 28 -8.43 -0.24 -13.95
C VAL B 28 -9.65 -1.04 -14.39
N SER B 29 -9.94 -1.02 -15.68
CA SER B 29 -11.19 -1.53 -16.26
C SER B 29 -10.92 -2.18 -17.59
N GLY B 30 -11.89 -2.97 -18.04
CA GLY B 30 -11.92 -3.55 -19.39
C GLY B 30 -10.95 -4.70 -19.57
N PHE B 31 -10.46 -5.35 -18.50
CA PHE B 31 -9.38 -6.37 -18.60
C PHE B 31 -9.91 -7.78 -18.36
N HIS B 32 -9.16 -8.76 -18.85
CA HIS B 32 -9.46 -10.20 -18.71
C HIS B 32 -8.19 -10.97 -19.03
N PRO B 33 -7.79 -11.97 -18.22
CA PRO B 33 -8.49 -12.36 -17.00
C PRO B 33 -8.28 -11.42 -15.80
N SER B 34 -8.61 -11.90 -14.59
CA SER B 34 -8.88 -11.07 -13.39
C SER B 34 -7.61 -10.80 -12.57
N ASP B 35 -6.60 -11.65 -12.67
CA ASP B 35 -5.30 -11.48 -11.94
C ASP B 35 -4.67 -10.17 -12.41
N ILE B 36 -4.40 -9.26 -11.50
CA ILE B 36 -3.81 -7.93 -11.84
C ILE B 36 -3.11 -7.39 -10.59
N GLU B 37 -1.99 -6.71 -10.76
CA GLU B 37 -1.27 -6.01 -9.67
C GLU B 37 -1.38 -4.50 -9.92
N VAL B 38 -1.74 -3.75 -8.90
CA VAL B 38 -1.80 -2.26 -8.97
C VAL B 38 -1.09 -1.66 -7.75
N ASP B 39 -0.21 -0.70 -8.03
CA ASP B 39 0.53 0.11 -7.03
C ASP B 39 0.27 1.58 -7.32
N LEU B 40 0.10 2.35 -6.26
CA LEU B 40 0.11 3.83 -6.32
C LEU B 40 1.51 4.31 -5.91
N LEU B 41 2.09 5.20 -6.72
CA LEU B 41 3.48 5.67 -6.51
C LEU B 41 3.42 7.15 -6.11
N LYS B 42 4.21 7.51 -5.09
CA LYS B 42 4.61 8.91 -4.82
C LYS B 42 6.09 9.03 -5.18
N ASN B 43 6.42 9.88 -6.16
CA ASN B 43 7.80 10.18 -6.66
C ASN B 43 8.55 8.87 -6.94
N GLY B 44 7.85 7.84 -7.43
CA GLY B 44 8.45 6.61 -7.97
C GLY B 44 8.46 5.46 -6.97
N GLU B 45 8.01 5.66 -5.71
CA GLU B 45 8.01 4.55 -4.71
C GLU B 45 6.59 4.20 -4.25
N ARG B 46 6.45 2.93 -3.88
CA ARG B 46 5.18 2.26 -3.53
C ARG B 46 4.56 2.98 -2.33
N ILE B 47 3.26 3.28 -2.40
CA ILE B 47 2.49 3.75 -1.22
C ILE B 47 1.96 2.52 -0.49
N GLU B 48 1.99 2.54 0.83
CA GLU B 48 1.78 1.32 1.65
C GLU B 48 0.27 1.07 1.82
N LYS B 49 -0.52 2.12 2.17
CA LYS B 49 -1.87 2.00 2.81
C LYS B 49 -2.97 2.17 1.75
N VAL B 50 -2.78 1.56 0.58
CA VAL B 50 -3.72 1.62 -0.58
C VAL B 50 -4.80 0.56 -0.39
N GLU B 51 -6.05 0.90 -0.70
CA GLU B 51 -7.18 -0.03 -0.65
C GLU B 51 -7.73 -0.22 -2.08
N HIS B 52 -8.54 -1.28 -2.27
CA HIS B 52 -9.20 -1.58 -3.55
C HIS B 52 -10.64 -2.03 -3.29
N SER B 53 -11.48 -1.81 -4.29
CA SER B 53 -12.85 -2.35 -4.39
C SER B 53 -12.80 -3.89 -4.57
N ASP B 54 -13.95 -4.53 -4.41
CA ASP B 54 -14.18 -5.97 -4.63
C ASP B 54 -14.34 -6.25 -6.12
N LEU B 55 -13.75 -7.34 -6.61
CA LEU B 55 -13.76 -7.65 -8.07
C LEU B 55 -15.20 -7.71 -8.56
N SER B 56 -15.53 -6.87 -9.53
CA SER B 56 -16.79 -6.89 -10.30
C SER B 56 -16.46 -6.82 -11.79
N PHE B 57 -17.47 -6.85 -12.67
CA PHE B 57 -17.28 -6.80 -14.14
C PHE B 57 -18.47 -6.13 -14.83
N SER B 58 -18.22 -5.68 -16.06
CA SER B 58 -19.13 -4.94 -16.96
C SER B 58 -19.95 -5.89 -17.83
N LYS B 59 -20.77 -5.31 -18.71
CA LYS B 59 -21.70 -6.04 -19.61
C LYS B 59 -20.92 -7.05 -20.44
N ASP B 60 -19.71 -6.68 -20.91
CA ASP B 60 -18.86 -7.51 -21.83
C ASP B 60 -18.00 -8.49 -21.04
N TRP B 61 -18.21 -8.61 -19.74
CA TRP B 61 -17.58 -9.58 -18.80
C TRP B 61 -16.20 -9.11 -18.37
N SER B 62 -15.76 -7.96 -18.81
CA SER B 62 -14.39 -7.47 -18.51
C SER B 62 -14.38 -6.84 -17.11
N PHE B 63 -13.30 -7.03 -16.38
CA PHE B 63 -13.22 -6.73 -14.93
C PHE B 63 -12.88 -5.28 -14.70
N TYR B 64 -13.26 -4.76 -13.52
CA TYR B 64 -12.89 -3.39 -13.07
C TYR B 64 -12.60 -3.40 -11.57
N LEU B 65 -11.57 -2.63 -11.17
CA LEU B 65 -11.18 -2.34 -9.76
C LEU B 65 -10.83 -0.85 -9.58
N LEU B 66 -11.21 -0.30 -8.44
CA LEU B 66 -10.70 0.99 -7.92
C LEU B 66 -9.68 0.72 -6.81
N TYR B 67 -8.48 1.29 -6.95
CA TYR B 67 -7.46 1.40 -5.90
C TYR B 67 -7.38 2.86 -5.46
N TYR B 68 -7.32 3.11 -4.16
CA TYR B 68 -7.38 4.47 -3.58
C TYR B 68 -6.52 4.56 -2.32
N THR B 69 -6.04 5.78 -2.00
CA THR B 69 -5.38 6.15 -0.70
C THR B 69 -5.68 7.62 -0.41
N GLU B 70 -5.83 8.00 0.86
CA GLU B 70 -5.80 9.44 1.26
C GLU B 70 -4.43 10.00 0.85
N PHE B 71 -4.38 11.24 0.38
CA PHE B 71 -3.15 11.95 -0.02
C PHE B 71 -3.40 13.46 -0.01
N THR B 72 -2.31 14.22 0.07
CA THR B 72 -2.30 15.70 0.00
C THR B 72 -1.41 16.12 -1.17
N PRO B 73 -2.02 16.53 -2.30
CA PRO B 73 -1.28 16.98 -3.46
C PRO B 73 -0.46 18.24 -3.13
N THR B 74 0.74 18.34 -3.70
CA THR B 74 1.58 19.58 -3.73
C THR B 74 1.83 19.95 -5.21
N GLU B 75 2.48 21.08 -5.48
CA GLU B 75 2.79 21.54 -6.86
C GLU B 75 3.75 20.52 -7.51
N LYS B 76 4.62 19.91 -6.69
CA LYS B 76 5.90 19.24 -7.11
C LYS B 76 5.84 17.73 -6.89
N ASP B 77 5.01 17.24 -5.95
CA ASP B 77 4.89 15.79 -5.62
C ASP B 77 4.26 15.07 -6.82
N GLU B 78 4.97 14.09 -7.38
CA GLU B 78 4.56 13.39 -8.62
C GLU B 78 3.96 12.03 -8.26
N TYR B 79 2.69 11.82 -8.60
CA TYR B 79 1.94 10.59 -8.27
C TYR B 79 1.72 9.81 -9.60
N ALA B 80 1.66 8.48 -9.53
CA ALA B 80 1.37 7.61 -10.69
C ALA B 80 0.72 6.30 -10.23
N CYS B 81 0.17 5.58 -11.20
CA CYS B 81 -0.40 4.22 -11.03
C CYS B 81 0.39 3.26 -11.90
N ARG B 82 0.86 2.16 -11.31
CA ARG B 82 1.66 1.11 -12.01
C ARG B 82 0.85 -0.18 -12.04
N VAL B 83 0.57 -0.68 -13.24
CA VAL B 83 -0.38 -1.80 -13.47
C VAL B 83 0.35 -2.91 -14.22
N ASN B 84 0.30 -4.11 -13.67
CA ASN B 84 0.82 -5.33 -14.32
C ASN B 84 -0.33 -6.32 -14.55
N HIS B 85 -0.36 -6.89 -15.75
CA HIS B 85 -1.37 -7.85 -16.25
C HIS B 85 -0.73 -8.75 -17.30
N VAL B 86 -1.26 -9.96 -17.48
CA VAL B 86 -0.71 -10.99 -18.40
C VAL B 86 -0.62 -10.40 -19.82
N THR B 87 -1.47 -9.46 -20.17
CA THR B 87 -1.47 -8.77 -21.51
C THR B 87 -0.35 -7.72 -21.64
N LEU B 88 0.26 -7.29 -20.54
CA LEU B 88 1.35 -6.29 -20.57
C LEU B 88 2.71 -6.97 -20.50
N SER B 89 3.61 -6.67 -21.44
CA SER B 89 5.04 -7.10 -21.44
C SER B 89 5.74 -6.65 -20.16
N GLN B 90 5.35 -5.48 -19.65
CA GLN B 90 5.95 -4.87 -18.43
C GLN B 90 4.94 -3.91 -17.83
N PRO B 91 5.16 -3.48 -16.56
CA PRO B 91 4.17 -2.64 -15.90
C PRO B 91 3.93 -1.37 -16.73
N LYS B 92 2.66 -0.96 -16.80
CA LYS B 92 2.24 0.33 -17.36
C LYS B 92 2.19 1.32 -16.21
N ILE B 93 2.93 2.42 -16.35
CA ILE B 93 2.86 3.56 -15.40
C ILE B 93 2.03 4.65 -16.09
N VAL B 94 0.96 5.08 -15.42
CA VAL B 94 0.22 6.31 -15.80
C VAL B 94 0.40 7.33 -14.69
N LYS B 95 1.00 8.46 -15.03
CA LYS B 95 1.25 9.62 -14.14
C LYS B 95 -0.08 10.35 -13.90
N TRP B 96 -0.35 10.74 -12.66
CA TRP B 96 -1.53 11.57 -12.34
C TRP B 96 -1.35 12.96 -12.96
N ASP B 97 -2.32 13.37 -13.78
CA ASP B 97 -2.50 14.76 -14.24
C ASP B 97 -3.74 15.30 -13.53
N ARG B 98 -3.58 16.33 -12.70
CA ARG B 98 -4.68 16.92 -11.90
C ARG B 98 -5.78 17.47 -12.82
N ASP B 99 -5.49 17.70 -14.09
CA ASP B 99 -6.47 18.27 -15.06
C ASP B 99 -7.14 17.14 -15.86
N MET B 100 -7.01 15.87 -15.45
CA MET B 100 -7.56 14.73 -16.24
C MET B 100 -8.22 13.68 -15.34
N GLN C 1 -31.15 -10.27 -2.63
CA GLN C 1 -31.50 -11.54 -1.98
C GLN C 1 -31.31 -12.68 -3.00
N LEU C 2 -30.40 -13.64 -2.72
CA LEU C 2 -29.97 -14.74 -3.64
C LEU C 2 -31.03 -15.84 -3.81
N PRO C 3 -30.97 -16.56 -4.95
CA PRO C 3 -31.78 -17.75 -5.17
C PRO C 3 -31.19 -18.95 -4.41
N ARG C 4 -32.00 -19.97 -4.23
CA ARG C 4 -31.68 -21.22 -3.49
C ARG C 4 -31.00 -22.22 -4.43
N LEU C 5 -31.31 -22.19 -5.72
N LEU C 5 -31.40 -22.21 -5.73
CA LEU C 5 -30.83 -23.25 -6.63
CA LEU C 5 -30.94 -23.14 -6.81
C LEU C 5 -29.88 -22.64 -7.66
C LEU C 5 -29.77 -22.50 -7.57
N PHE C 6 -28.72 -23.27 -7.81
CA PHE C 6 -27.69 -22.91 -8.79
C PHE C 6 -27.45 -24.14 -9.65
N PRO C 7 -27.58 -24.01 -10.97
CA PRO C 7 -27.56 -25.17 -11.85
C PRO C 7 -26.13 -25.63 -12.23
N LEU C 8 -25.96 -26.93 -12.47
CA LEU C 8 -24.75 -27.56 -13.08
C LEU C 8 -24.77 -27.29 -14.56
N LEU C 9 -23.64 -26.91 -15.13
CA LEU C 9 -23.43 -26.89 -16.59
C LEU C 9 -23.60 -28.32 -17.17
N GLY D 1 -2.19 8.72 14.19
CA GLY D 1 -1.88 8.03 12.91
C GLY D 1 -1.46 6.60 13.18
N SER D 2 -0.88 5.96 12.16
CA SER D 2 -0.30 4.60 12.16
C SER D 2 0.70 4.45 13.31
N HIS D 3 0.91 3.22 13.75
CA HIS D 3 2.02 2.81 14.65
C HIS D 3 2.52 1.44 14.20
N SER D 4 3.78 1.14 14.52
CA SER D 4 4.51 -0.06 14.09
C SER D 4 5.23 -0.65 15.30
N MET D 5 5.26 -1.97 15.42
CA MET D 5 6.17 -2.70 16.30
C MET D 5 7.11 -3.55 15.43
N ARG D 6 8.40 -3.56 15.76
CA ARG D 6 9.42 -4.30 15.00
C ARG D 6 10.34 -4.97 16.00
N TYR D 7 10.55 -6.25 15.85
CA TYR D 7 11.70 -6.99 16.41
C TYR D 7 12.70 -7.21 15.27
N PHE D 8 13.95 -6.95 15.56
CA PHE D 8 15.09 -7.17 14.65
C PHE D 8 16.07 -8.04 15.39
N SER D 9 16.54 -9.11 14.75
CA SER D 9 17.55 -10.01 15.37
C SER D 9 18.73 -10.17 14.41
N THR D 10 19.94 -10.32 14.96
CA THR D 10 21.17 -10.60 14.19
C THR D 10 21.87 -11.78 14.86
N SER D 11 22.16 -12.82 14.09
CA SER D 11 23.01 -13.97 14.50
C SER D 11 24.26 -13.92 13.65
N VAL D 12 25.43 -13.97 14.30
CA VAL D 12 26.75 -13.96 13.60
C VAL D 12 27.56 -15.15 14.08
N SER D 13 27.90 -16.07 13.18
CA SER D 13 28.79 -17.20 13.53
C SER D 13 30.24 -16.68 13.69
N ARG D 14 31.02 -17.41 14.45
CA ARG D 14 32.44 -17.10 14.67
C ARG D 14 33.13 -18.42 15.01
N PRO D 15 33.28 -19.31 14.01
CA PRO D 15 33.80 -20.66 14.26
C PRO D 15 35.10 -20.62 15.07
N GLY D 16 35.22 -21.51 16.06
CA GLY D 16 36.37 -21.61 16.99
C GLY D 16 36.46 -20.44 17.96
N ARG D 17 35.45 -19.56 18.04
CA ARG D 17 35.38 -18.44 19.03
C ARG D 17 34.08 -18.54 19.83
N GLY D 18 33.50 -19.75 19.95
CA GLY D 18 32.26 -20.02 20.69
C GLY D 18 31.04 -20.04 19.80
N GLU D 19 29.85 -20.15 20.42
CA GLU D 19 28.55 -20.15 19.73
C GLU D 19 28.31 -18.79 19.09
N PRO D 20 27.52 -18.71 18.03
CA PRO D 20 27.24 -17.42 17.39
C PRO D 20 26.76 -16.36 18.39
N ARG D 21 27.10 -15.12 18.13
CA ARG D 21 26.57 -13.93 18.81
C ARG D 21 25.13 -13.69 18.34
N PHE D 22 24.18 -13.61 19.25
CA PHE D 22 22.78 -13.27 18.96
C PHE D 22 22.42 -11.95 19.66
N ILE D 23 22.12 -10.92 18.87
CA ILE D 23 21.61 -9.61 19.38
C ILE D 23 20.18 -9.42 18.88
N ALA D 24 19.25 -9.20 19.81
CA ALA D 24 17.86 -8.88 19.47
C ALA D 24 17.48 -7.52 20.06
N VAL D 25 16.69 -6.79 19.33
CA VAL D 25 16.25 -5.43 19.68
C VAL D 25 14.77 -5.26 19.27
N GLY D 26 13.94 -4.62 20.11
CA GLY D 26 12.52 -4.34 19.87
C GLY D 26 12.26 -2.85 19.82
N TYR D 27 11.40 -2.41 18.91
CA TYR D 27 11.02 -1.00 18.69
C TYR D 27 9.50 -0.86 18.63
N VAL D 28 8.99 0.28 19.11
CA VAL D 28 7.70 0.85 18.68
C VAL D 28 7.99 2.17 17.96
N ASP D 29 7.57 2.26 16.70
CA ASP D 29 7.89 3.39 15.79
C ASP D 29 9.41 3.59 15.81
N ASP D 30 9.89 4.74 16.20
CA ASP D 30 11.33 5.06 16.12
C ASP D 30 11.93 5.00 17.52
N THR D 31 11.31 4.32 18.47
CA THR D 31 11.73 4.25 19.90
C THR D 31 12.02 2.79 20.29
N GLN D 32 13.24 2.52 20.75
CA GLN D 32 13.67 1.18 21.21
C GLN D 32 13.10 0.93 22.61
N PHE D 33 12.73 -0.31 22.94
CA PHE D 33 12.13 -0.61 24.26
C PHE D 33 12.75 -1.86 24.87
N VAL D 34 13.41 -2.75 24.12
CA VAL D 34 14.04 -3.97 24.71
C VAL D 34 15.29 -4.33 23.93
N ARG D 35 16.14 -5.13 24.56
CA ARG D 35 17.30 -5.74 23.90
C ARG D 35 17.60 -7.06 24.57
N PHE D 36 18.34 -7.89 23.88
CA PHE D 36 18.96 -9.10 24.43
C PHE D 36 20.28 -9.31 23.69
N ASP D 37 21.29 -9.72 24.42
CA ASP D 37 22.64 -9.92 23.86
C ASP D 37 23.21 -11.16 24.52
N SER D 38 23.44 -12.20 23.71
CA SER D 38 23.82 -13.55 24.19
C SER D 38 25.19 -13.52 24.86
N ASP D 39 25.98 -12.47 24.61
CA ASP D 39 27.33 -12.27 25.19
C ASP D 39 27.26 -11.53 26.53
N ALA D 40 26.19 -10.78 26.83
CA ALA D 40 26.04 -9.95 28.05
C ALA D 40 25.85 -10.86 29.28
N ALA D 41 26.27 -10.40 30.47
CA ALA D 41 26.29 -11.19 31.73
C ALA D 41 24.85 -11.51 32.20
N SER D 42 23.88 -10.59 32.10
CA SER D 42 22.50 -10.76 32.64
C SER D 42 21.83 -12.01 32.04
N GLN D 43 22.00 -12.26 30.76
CA GLN D 43 21.38 -13.45 30.15
C GLN D 43 19.84 -13.23 30.25
N ARG D 44 19.43 -11.97 30.09
CA ARG D 44 18.04 -11.48 30.31
C ARG D 44 17.66 -10.57 29.15
N MET D 45 16.38 -10.57 28.78
CA MET D 45 15.82 -9.47 27.98
C MET D 45 15.77 -8.26 28.89
N GLU D 46 16.20 -7.10 28.40
CA GLU D 46 16.40 -5.86 29.21
C GLU D 46 15.55 -4.71 28.67
N PRO D 47 15.02 -3.86 29.57
CA PRO D 47 14.28 -2.68 29.17
C PRO D 47 15.19 -1.61 28.58
N ARG D 48 14.72 -0.88 27.57
CA ARG D 48 15.51 0.24 26.98
C ARG D 48 14.64 1.49 26.82
N ALA D 49 13.46 1.47 27.43
CA ALA D 49 12.52 2.61 27.47
C ALA D 49 11.86 2.63 28.83
N PRO D 50 11.63 3.82 29.43
CA PRO D 50 11.06 3.89 30.78
C PRO D 50 9.79 3.04 30.90
N TRP D 51 8.92 3.11 29.90
CA TRP D 51 7.50 2.69 30.02
C TRP D 51 7.39 1.16 30.08
N ILE D 52 8.35 0.43 29.52
CA ILE D 52 8.31 -1.06 29.53
C ILE D 52 8.73 -1.56 30.90
N GLU D 53 9.32 -0.71 31.74
CA GLU D 53 9.76 -1.09 33.11
C GLU D 53 8.55 -1.36 34.00
N GLN D 54 7.34 -0.89 33.61
CA GLN D 54 6.04 -1.16 34.29
C GLN D 54 5.73 -2.67 34.22
N GLU D 55 6.07 -3.35 33.12
CA GLU D 55 5.72 -4.78 32.91
C GLU D 55 6.25 -5.60 34.08
N GLY D 56 5.47 -6.55 34.56
CA GLY D 56 5.81 -7.34 35.74
C GLY D 56 6.74 -8.50 35.42
N PRO D 57 7.13 -9.29 36.45
CA PRO D 57 8.17 -10.33 36.30
C PRO D 57 7.77 -11.47 35.37
N GLU D 58 6.48 -11.81 35.33
CA GLU D 58 5.91 -12.80 34.38
C GLU D 58 6.32 -12.40 32.95
N TYR D 59 6.07 -11.17 32.51
CA TYR D 59 6.48 -10.64 31.17
C TYR D 59 7.96 -10.85 30.94
N TRP D 60 8.82 -10.42 31.88
CA TRP D 60 10.31 -10.41 31.70
C TRP D 60 10.82 -11.85 31.60
N ASP D 61 10.29 -12.76 32.41
CA ASP D 61 10.60 -14.23 32.31
C ASP D 61 10.18 -14.76 30.93
N GLU D 62 8.99 -14.42 30.46
CA GLU D 62 8.40 -15.01 29.21
C GLU D 62 9.17 -14.48 28.02
N GLU D 63 9.39 -13.17 27.92
CA GLU D 63 10.17 -12.57 26.82
C GLU D 63 11.63 -13.09 26.84
N THR D 64 12.24 -13.25 28.01
CA THR D 64 13.60 -13.85 28.09
C THR D 64 13.56 -15.29 27.51
N GLY D 65 12.62 -16.12 27.94
CA GLY D 65 12.43 -17.50 27.43
C GLY D 65 12.33 -17.50 25.92
N LYS D 66 11.44 -16.67 25.39
CA LYS D 66 11.12 -16.67 23.95
C LYS D 66 12.33 -16.20 23.15
N VAL D 67 13.08 -15.22 23.65
CA VAL D 67 14.20 -14.65 22.84
C VAL D 67 15.36 -15.62 22.87
N LYS D 68 15.48 -16.39 23.94
CA LYS D 68 16.47 -17.50 24.05
C LYS D 68 16.06 -18.64 23.09
N ALA D 69 14.77 -18.95 22.97
CA ALA D 69 14.29 -19.96 21.98
C ALA D 69 14.64 -19.48 20.57
N HIS D 70 14.35 -18.22 20.24
CA HIS D 70 14.77 -17.61 18.96
C HIS D 70 16.26 -17.85 18.77
N SER D 71 17.04 -17.59 19.81
CA SER D 71 18.51 -17.69 19.83
C SER D 71 18.96 -19.10 19.38
N GLN D 72 18.50 -20.11 20.10
CA GLN D 72 18.92 -21.51 19.91
C GLN D 72 18.49 -21.90 18.50
N THR D 73 17.38 -21.33 18.03
CA THR D 73 16.80 -21.67 16.71
C THR D 73 17.68 -21.10 15.61
N ASP D 74 18.04 -19.82 15.70
CA ASP D 74 18.81 -19.18 14.60
C ASP D 74 20.26 -19.69 14.61
N ARG D 75 20.77 -20.20 15.72
CA ARG D 75 22.10 -20.89 15.76
C ARG D 75 22.05 -22.13 14.85
N GLU D 76 20.98 -22.89 14.95
CA GLU D 76 20.79 -24.07 14.10
C GLU D 76 20.53 -23.63 12.65
N ASN D 77 19.80 -22.52 12.45
CA ASN D 77 19.46 -22.00 11.09
C ASN D 77 20.73 -21.57 10.36
N LEU D 78 21.76 -21.15 11.10
CA LEU D 78 23.07 -20.80 10.51
C LEU D 78 23.70 -22.07 9.96
N ARG D 79 23.62 -23.17 10.71
CA ARG D 79 24.20 -24.48 10.31
C ARG D 79 23.39 -25.06 9.15
N ILE D 80 22.06 -24.86 9.10
CA ILE D 80 21.20 -25.34 7.98
C ILE D 80 21.58 -24.57 6.73
N ALA D 81 21.74 -23.25 6.81
CA ALA D 81 22.11 -22.39 5.65
C ALA D 81 23.44 -22.87 5.05
N LEU D 82 24.43 -23.23 5.89
CA LEU D 82 25.74 -23.80 5.45
C LEU D 82 25.46 -24.98 4.53
N ARG D 83 24.62 -25.92 4.96
CA ARG D 83 24.30 -27.16 4.20
C ARG D 83 23.70 -26.75 2.83
N TYR D 84 22.63 -25.99 2.84
CA TYR D 84 21.91 -25.59 1.61
C TYR D 84 22.89 -24.93 0.63
N TYR D 85 23.79 -24.05 1.09
CA TYR D 85 24.71 -23.29 0.19
C TYR D 85 26.07 -24.01 0.09
N ASN D 86 26.23 -25.12 0.77
CA ASN D 86 27.43 -25.99 0.64
C ASN D 86 28.69 -25.14 0.89
N GLN D 87 28.69 -24.42 2.02
CA GLN D 87 29.72 -23.46 2.49
C GLN D 87 30.53 -24.10 3.64
N SER D 88 31.74 -23.59 3.87
CA SER D 88 32.67 -24.13 4.88
C SER D 88 32.21 -23.72 6.28
N GLU D 89 32.58 -24.53 7.26
CA GLU D 89 32.37 -24.30 8.70
C GLU D 89 33.36 -23.26 9.24
N ALA D 90 34.32 -22.79 8.44
CA ALA D 90 35.33 -21.79 8.89
C ALA D 90 34.80 -20.36 8.65
N GLY D 91 33.93 -20.14 7.66
CA GLY D 91 33.36 -18.81 7.33
C GLY D 91 32.50 -18.23 8.46
N SER D 92 32.63 -16.94 8.80
CA SER D 92 31.61 -16.17 9.59
C SER D 92 30.44 -15.78 8.67
N HIS D 93 29.20 -16.04 9.09
CA HIS D 93 27.97 -15.71 8.33
C HIS D 93 26.94 -15.02 9.21
N THR D 94 25.99 -14.33 8.60
CA THR D 94 24.99 -13.49 9.28
C THR D 94 23.59 -13.96 8.91
N LEU D 95 22.76 -14.19 9.92
CA LEU D 95 21.31 -14.42 9.74
C LEU D 95 20.55 -13.30 10.45
N GLN D 96 19.85 -12.49 9.71
CA GLN D 96 19.02 -11.41 10.26
C GLN D 96 17.57 -11.80 10.06
N MET D 97 16.77 -11.46 11.06
CA MET D 97 15.30 -11.62 11.04
C MET D 97 14.66 -10.29 11.44
N MET D 98 13.56 -9.96 10.77
CA MET D 98 12.65 -8.85 11.15
C MET D 98 11.21 -9.40 11.23
N PHE D 99 10.41 -8.97 12.19
CA PHE D 99 8.98 -9.26 12.21
C PHE D 99 8.27 -8.27 13.07
N GLY D 100 6.95 -8.24 12.90
CA GLY D 100 6.05 -7.32 13.59
C GLY D 100 4.93 -6.81 12.72
N CYS D 101 4.20 -5.81 13.22
CA CYS D 101 2.82 -5.46 12.82
C CYS D 101 2.66 -3.94 12.79
N ASP D 102 1.73 -3.49 11.94
CA ASP D 102 1.23 -2.09 11.87
C ASP D 102 -0.23 -2.06 12.34
N VAL D 103 -0.64 -0.98 13.02
CA VAL D 103 -2.04 -0.66 13.43
C VAL D 103 -2.35 0.79 13.03
N GLY D 104 -3.60 1.07 12.64
CA GLY D 104 -4.14 2.44 12.45
C GLY D 104 -4.41 3.13 13.78
N SER D 105 -4.85 4.39 13.78
CA SER D 105 -5.07 5.19 15.03
C SER D 105 -6.27 4.63 15.82
N ASP D 106 -7.18 3.94 15.12
CA ASP D 106 -8.34 3.20 15.70
C ASP D 106 -7.86 1.88 16.36
N GLY D 107 -6.61 1.49 16.14
CA GLY D 107 -5.98 0.35 16.84
C GLY D 107 -6.06 -0.94 16.02
N ARG D 108 -6.69 -0.89 14.83
CA ARG D 108 -6.99 -2.05 13.98
C ARG D 108 -5.70 -2.53 13.28
N PHE D 109 -5.55 -3.84 13.15
CA PHE D 109 -4.45 -4.47 12.39
C PHE D 109 -4.45 -3.91 10.96
N LEU D 110 -3.27 -3.59 10.45
CA LEU D 110 -3.07 -2.94 9.14
C LEU D 110 -2.23 -3.85 8.22
N ARG D 111 -1.21 -4.55 8.76
CA ARG D 111 -0.05 -5.10 7.99
C ARG D 111 0.84 -5.89 8.96
N GLY D 112 1.36 -7.03 8.50
CA GLY D 112 2.29 -7.89 9.22
C GLY D 112 3.51 -8.17 8.35
N TYR D 113 4.59 -8.58 8.99
CA TYR D 113 5.94 -8.70 8.40
C TYR D 113 6.68 -9.84 9.08
N HIS D 114 7.42 -10.61 8.31
CA HIS D 114 8.20 -11.73 8.86
C HIS D 114 9.18 -12.21 7.82
N GLN D 115 10.45 -11.83 7.98
CA GLN D 115 11.46 -11.99 6.90
C GLN D 115 12.87 -12.16 7.44
N TYR D 116 13.71 -12.80 6.64
CA TYR D 116 15.09 -13.22 6.92
C TYR D 116 15.99 -12.71 5.80
N ALA D 117 17.25 -12.42 6.16
CA ALA D 117 18.36 -12.16 5.24
C ALA D 117 19.57 -12.98 5.68
N TYR D 118 20.26 -13.56 4.70
CA TYR D 118 21.49 -14.36 4.88
C TYR D 118 22.61 -13.62 4.18
N ASP D 119 23.66 -13.30 4.94
CA ASP D 119 24.85 -12.55 4.46
C ASP D 119 24.39 -11.26 3.76
N GLY D 120 23.36 -10.60 4.33
CA GLY D 120 22.88 -9.24 3.94
C GLY D 120 21.95 -9.26 2.73
N LYS D 121 21.60 -10.45 2.23
CA LYS D 121 20.74 -10.65 1.04
C LYS D 121 19.42 -11.32 1.44
N ASP D 122 18.31 -10.74 0.98
CA ASP D 122 16.93 -11.30 1.08
C ASP D 122 16.97 -12.83 0.90
N TYR D 123 16.41 -13.56 1.85
CA TYR D 123 16.31 -15.03 1.83
C TYR D 123 14.85 -15.44 1.64
N ILE D 124 14.03 -15.23 2.66
CA ILE D 124 12.57 -15.51 2.58
C ILE D 124 11.80 -14.42 3.31
N ALA D 125 10.64 -14.05 2.78
CA ALA D 125 9.68 -13.09 3.38
C ALA D 125 8.25 -13.62 3.23
N LEU D 126 7.49 -13.59 4.32
CA LEU D 126 6.00 -13.66 4.34
C LEU D 126 5.44 -12.51 3.51
N LYS D 127 4.53 -12.79 2.58
CA LYS D 127 3.97 -11.79 1.67
C LYS D 127 2.87 -11.03 2.41
N GLU D 128 2.43 -9.88 1.87
CA GLU D 128 1.46 -8.98 2.51
C GLU D 128 0.22 -9.78 2.95
N ASP D 129 -0.18 -10.82 2.21
CA ASP D 129 -1.46 -11.53 2.46
C ASP D 129 -1.29 -12.46 3.65
N LEU D 130 -0.06 -12.65 4.10
CA LEU D 130 0.25 -13.50 5.28
C LEU D 130 -0.20 -14.94 5.00
N ARG D 131 -0.20 -15.36 3.75
CA ARG D 131 -0.70 -16.69 3.33
C ARG D 131 0.36 -17.41 2.50
N SER D 132 1.41 -16.70 2.07
CA SER D 132 2.41 -17.16 1.08
C SER D 132 3.78 -16.49 1.31
N TRP D 133 4.80 -17.01 0.66
CA TRP D 133 6.23 -16.70 0.84
C TRP D 133 6.86 -16.20 -0.47
N THR D 134 7.73 -15.20 -0.39
CA THR D 134 8.71 -14.79 -1.44
C THR D 134 10.06 -15.38 -1.03
N ALA D 135 10.54 -16.38 -1.78
CA ALA D 135 11.85 -17.05 -1.58
C ALA D 135 12.75 -16.65 -2.73
N ALA D 136 13.90 -16.11 -2.39
CA ALA D 136 14.80 -15.37 -3.29
C ALA D 136 15.53 -16.36 -4.23
N ASP D 137 15.86 -17.57 -3.76
CA ASP D 137 16.88 -18.45 -4.38
C ASP D 137 16.54 -19.92 -4.11
N MET D 138 17.34 -20.85 -4.65
CA MET D 138 17.08 -22.32 -4.55
C MET D 138 17.00 -22.73 -3.07
N ALA D 139 17.92 -22.24 -2.25
CA ALA D 139 17.99 -22.60 -0.82
C ALA D 139 16.70 -22.18 -0.10
N ALA D 140 16.23 -20.97 -0.34
CA ALA D 140 15.02 -20.40 0.30
C ALA D 140 13.78 -21.15 -0.21
N GLN D 141 13.80 -21.64 -1.44
CA GLN D 141 12.69 -22.47 -2.01
C GLN D 141 12.59 -23.80 -1.25
N ILE D 142 13.69 -24.34 -0.73
CA ILE D 142 13.65 -25.55 0.16
C ILE D 142 12.91 -25.13 1.43
N THR D 143 13.23 -23.96 1.97
CA THR D 143 12.63 -23.49 3.23
C THR D 143 11.13 -23.23 2.97
N LYS D 144 10.81 -22.59 1.85
CA LYS D 144 9.43 -22.26 1.46
C LYS D 144 8.57 -23.53 1.41
N ARG D 145 9.10 -24.64 0.91
CA ARG D 145 8.33 -25.90 0.77
C ARG D 145 8.09 -26.48 2.15
N LYS D 146 9.13 -26.58 2.94
CA LYS D 146 9.06 -27.00 4.37
C LYS D 146 7.98 -26.19 5.10
N TRP D 147 7.97 -24.87 4.94
CA TRP D 147 7.07 -23.95 5.71
C TRP D 147 5.61 -24.06 5.22
N GLU D 148 5.40 -24.25 3.92
CA GLU D 148 4.08 -24.55 3.32
C GLU D 148 3.59 -25.88 3.90
N ALA D 149 4.41 -26.92 3.86
CA ALA D 149 4.03 -28.27 4.35
C ALA D 149 3.68 -28.21 5.84
N ALA D 150 4.37 -27.38 6.62
CA ALA D 150 4.20 -27.31 8.08
C ALA D 150 3.24 -26.18 8.51
N HIS D 151 2.54 -25.53 7.58
CA HIS D 151 1.57 -24.43 7.83
C HIS D 151 2.24 -23.32 8.69
N VAL D 152 3.43 -22.86 8.33
CA VAL D 152 4.13 -21.81 9.13
C VAL D 152 3.44 -20.46 8.93
N ALA D 153 3.01 -20.15 7.71
CA ALA D 153 2.30 -18.89 7.37
C ALA D 153 1.08 -18.71 8.30
N GLU D 154 0.35 -19.78 8.60
CA GLU D 154 -0.89 -19.66 9.39
C GLU D 154 -0.53 -19.37 10.86
N GLN D 155 0.52 -19.97 11.40
CA GLN D 155 0.91 -19.74 12.81
C GLN D 155 1.37 -18.27 12.95
N GLN D 156 2.15 -17.78 11.99
CA GLN D 156 2.74 -16.41 11.99
C GLN D 156 1.62 -15.37 11.78
N ARG D 157 0.69 -15.62 10.87
CA ARG D 157 -0.50 -14.76 10.66
C ARG D 157 -1.25 -14.54 11.98
N ALA D 158 -1.53 -15.61 12.71
CA ALA D 158 -2.36 -15.60 13.93
C ALA D 158 -1.63 -14.82 15.04
N TYR D 159 -0.30 -14.84 15.04
CA TYR D 159 0.53 -14.03 15.99
C TYR D 159 0.50 -12.57 15.53
N LEU D 160 0.70 -12.28 14.24
CA LEU D 160 0.87 -10.88 13.75
C LEU D 160 -0.44 -10.12 13.87
N GLU D 161 -1.58 -10.80 13.63
CA GLU D 161 -2.94 -10.20 13.66
C GLU D 161 -3.48 -10.24 15.10
N GLY D 162 -2.86 -11.04 15.97
CA GLY D 162 -3.33 -11.26 17.36
C GLY D 162 -2.36 -10.65 18.38
N THR D 163 -1.49 -11.47 18.98
CA THR D 163 -0.58 -11.12 20.09
C THR D 163 0.21 -9.86 19.74
N CYS D 164 0.81 -9.81 18.56
CA CYS D 164 1.61 -8.65 18.06
C CYS D 164 0.84 -7.35 18.24
N VAL D 165 -0.39 -7.24 17.73
CA VAL D 165 -1.19 -5.98 17.80
C VAL D 165 -1.62 -5.75 19.23
N ASP D 166 -1.99 -6.82 19.94
CA ASP D 166 -2.33 -6.72 21.39
C ASP D 166 -1.17 -6.03 22.11
N GLY D 167 0.04 -6.53 21.87
CA GLY D 167 1.28 -6.08 22.49
C GLY D 167 1.55 -4.61 22.15
N LEU D 168 1.54 -4.29 20.88
CA LEU D 168 1.74 -2.92 20.36
C LEU D 168 0.74 -1.95 21.01
N ARG D 169 -0.53 -2.34 21.15
CA ARG D 169 -1.59 -1.45 21.69
C ARG D 169 -1.35 -1.25 23.19
N ARG D 170 -0.96 -2.29 23.93
CA ARG D 170 -0.65 -2.18 25.37
C ARG D 170 0.52 -1.18 25.52
N TYR D 171 1.54 -1.30 24.66
CA TYR D 171 2.77 -0.47 24.73
C TYR D 171 2.39 0.98 24.47
N LEU D 172 1.59 1.21 23.42
CA LEU D 172 1.07 2.53 23.02
C LEU D 172 0.30 3.20 24.17
N GLU D 173 -0.34 2.41 25.04
CA GLU D 173 -1.15 2.94 26.17
C GLU D 173 -0.20 3.22 27.33
N ASN D 174 0.61 2.25 27.75
CA ASN D 174 1.53 2.38 28.90
C ASN D 174 2.53 3.52 28.63
N GLY D 175 2.91 3.73 27.38
CA GLY D 175 3.94 4.72 26.98
C GLY D 175 3.33 5.87 26.22
N LYS D 176 2.06 6.19 26.47
CA LYS D 176 1.32 7.19 25.66
C LYS D 176 2.09 8.54 25.68
N GLU D 177 2.58 8.99 26.84
CA GLU D 177 3.34 10.27 27.04
C GLU D 177 4.50 10.33 26.03
N THR D 178 5.19 9.19 25.82
CA THR D 178 6.37 8.99 24.92
C THR D 178 5.89 8.85 23.48
N LEU D 179 5.19 7.75 23.19
CA LEU D 179 5.05 7.19 21.83
C LEU D 179 4.06 8.03 21.01
N GLN D 180 3.08 8.66 21.66
CA GLN D 180 1.96 9.39 20.96
C GLN D 180 2.20 10.89 21.01
N ARG D 181 3.38 11.32 21.50
CA ARG D 181 3.90 12.71 21.37
C ARG D 181 4.50 12.88 19.98
N THR D 182 4.65 14.11 19.54
CA THR D 182 5.15 14.45 18.20
C THR D 182 5.90 15.78 18.34
N ASP D 183 7.24 15.74 18.37
CA ASP D 183 8.11 16.92 18.55
C ASP D 183 8.37 17.56 17.18
N PRO D 184 7.79 18.75 16.89
CA PRO D 184 8.06 19.42 15.62
C PRO D 184 9.55 19.75 15.53
N PRO D 185 10.10 19.81 14.31
CA PRO D 185 11.48 20.19 14.13
C PRO D 185 11.68 21.67 14.45
N LYS D 186 12.75 21.99 15.13
CA LYS D 186 13.23 23.40 15.26
C LYS D 186 14.18 23.65 14.08
N THR D 187 13.87 24.63 13.26
CA THR D 187 14.61 24.89 12.01
C THR D 187 15.33 26.23 12.10
N HIS D 188 16.47 26.34 11.41
CA HIS D 188 17.21 27.59 11.15
C HIS D 188 18.13 27.35 9.94
N MET D 189 18.68 28.42 9.40
CA MET D 189 19.52 28.39 8.21
C MET D 189 20.84 29.05 8.56
N THR D 190 21.95 28.43 8.20
CA THR D 190 23.33 28.98 8.38
C THR D 190 23.91 29.27 6.99
N HIS D 191 24.90 30.16 6.93
CA HIS D 191 25.54 30.67 5.70
C HIS D 191 27.05 30.57 5.85
N HIS D 192 27.72 29.96 4.86
CA HIS D 192 29.18 29.63 4.94
C HIS D 192 29.84 30.00 3.61
N PRO D 193 30.48 31.19 3.49
CA PRO D 193 31.16 31.55 2.24
C PRO D 193 32.21 30.45 1.98
N ILE D 194 32.34 30.02 0.72
CA ILE D 194 33.43 29.10 0.27
C ILE D 194 34.39 29.88 -0.65
N SER D 195 33.99 31.09 -1.07
CA SER D 195 34.74 31.98 -2.00
C SER D 195 34.08 33.36 -1.99
N ASP D 196 34.61 34.31 -2.73
CA ASP D 196 33.87 35.58 -3.01
C ASP D 196 32.93 35.32 -4.20
N HIS D 197 32.93 34.10 -4.75
CA HIS D 197 32.08 33.72 -5.90
C HIS D 197 30.95 32.77 -5.48
N GLU D 198 31.08 32.03 -4.38
CA GLU D 198 30.04 31.05 -3.94
C GLU D 198 29.97 30.95 -2.41
N ALA D 199 28.79 30.55 -1.93
CA ALA D 199 28.51 30.26 -0.51
C ALA D 199 27.63 29.00 -0.43
N THR D 200 27.72 28.28 0.70
CA THR D 200 26.85 27.15 1.07
C THR D 200 25.75 27.70 1.99
N LEU D 201 24.48 27.53 1.60
CA LEU D 201 23.31 27.71 2.49
C LEU D 201 22.98 26.34 3.06
N ARG D 202 22.87 26.24 4.38
CA ARG D 202 22.55 24.97 5.07
C ARG D 202 21.28 25.15 5.89
N CYS D 203 20.29 24.32 5.60
CA CYS D 203 18.96 24.28 6.24
C CYS D 203 18.92 23.15 7.26
N TRP D 204 18.50 23.45 8.49
CA TRP D 204 18.64 22.58 9.67
C TRP D 204 17.27 22.25 10.25
N ALA D 205 17.08 21.00 10.64
CA ALA D 205 15.92 20.51 11.41
C ALA D 205 16.46 19.71 12.60
N LEU D 206 16.07 20.07 13.84
CA LEU D 206 16.65 19.54 15.10
C LEU D 206 15.54 19.23 16.10
N GLY D 207 15.80 18.28 17.01
CA GLY D 207 14.88 17.91 18.10
C GLY D 207 13.56 17.28 17.63
N PHE D 208 13.46 16.70 16.44
CA PHE D 208 12.13 16.23 15.89
C PHE D 208 11.97 14.71 16.08
N TYR D 209 10.71 14.30 16.23
CA TYR D 209 10.29 12.90 16.44
C TYR D 209 8.85 12.83 15.97
N PRO D 210 8.47 11.81 15.18
CA PRO D 210 9.37 10.73 14.76
C PRO D 210 10.38 11.11 13.66
N ALA D 211 11.15 10.14 13.16
CA ALA D 211 12.32 10.32 12.27
C ALA D 211 11.94 10.74 10.81
N GLU D 212 10.80 10.30 10.30
CA GLU D 212 10.32 10.71 8.95
C GLU D 212 10.39 12.23 8.83
N ILE D 213 11.05 12.75 7.79
CA ILE D 213 11.06 14.20 7.46
C ILE D 213 11.46 14.40 5.97
N THR D 214 11.09 15.52 5.38
CA THR D 214 11.53 15.92 4.02
C THR D 214 12.08 17.37 4.07
N LEU D 215 13.32 17.54 3.64
CA LEU D 215 14.01 18.83 3.41
C LEU D 215 14.30 19.00 1.91
N THR D 216 13.81 20.06 1.30
CA THR D 216 14.00 20.35 -0.14
C THR D 216 14.46 21.80 -0.34
N TRP D 217 15.25 22.02 -1.37
CA TRP D 217 15.68 23.38 -1.79
C TRP D 217 14.99 23.75 -3.09
N GLN D 218 14.66 25.03 -3.23
CA GLN D 218 14.12 25.62 -4.48
C GLN D 218 14.92 26.87 -4.85
N ARG D 219 15.02 27.15 -6.14
CA ARG D 219 15.53 28.43 -6.66
C ARG D 219 14.45 29.07 -7.55
N ASP D 220 13.89 30.20 -7.10
CA ASP D 220 12.71 30.86 -7.73
C ASP D 220 11.56 29.83 -7.85
N GLY D 221 11.40 28.97 -6.85
CA GLY D 221 10.24 28.06 -6.72
C GLY D 221 10.38 26.82 -7.60
N GLU D 222 11.60 26.50 -8.04
CA GLU D 222 11.93 25.28 -8.84
C GLU D 222 12.85 24.37 -8.04
N ASP D 223 12.60 23.06 -8.05
CA ASP D 223 13.34 22.04 -7.25
C ASP D 223 14.83 22.10 -7.61
N GLN D 224 15.69 21.72 -6.67
CA GLN D 224 17.17 21.70 -6.89
C GLN D 224 17.73 20.34 -6.45
N THR D 225 17.12 19.23 -6.88
CA THR D 225 17.65 17.85 -6.64
C THR D 225 19.16 17.85 -6.96
N GLN D 226 19.54 18.39 -8.11
CA GLN D 226 20.96 18.54 -8.52
C GLN D 226 21.54 19.77 -7.83
N ASP D 227 22.69 19.59 -7.17
CA ASP D 227 23.50 20.66 -6.52
C ASP D 227 23.08 20.81 -5.05
N THR D 228 22.20 19.93 -4.52
CA THR D 228 21.79 19.91 -3.08
C THR D 228 22.36 18.68 -2.37
N GLU D 229 23.12 18.88 -1.30
CA GLU D 229 23.64 17.81 -0.43
C GLU D 229 22.65 17.58 0.71
N LEU D 230 22.30 16.33 0.95
CA LEU D 230 21.26 15.98 1.94
C LEU D 230 21.81 14.83 2.77
N VAL D 231 22.05 15.01 4.07
CA VAL D 231 22.61 13.93 4.92
C VAL D 231 21.48 12.99 5.36
N GLU D 232 21.83 11.73 5.63
CA GLU D 232 20.97 10.75 6.35
C GLU D 232 20.51 11.38 7.68
N THR D 233 19.22 11.27 7.98
CA THR D 233 18.61 11.63 9.28
C THR D 233 19.32 10.86 10.37
N ARG D 234 19.64 11.53 11.48
CA ARG D 234 20.55 10.99 12.52
C ARG D 234 19.94 11.20 13.89
N PRO D 235 20.13 10.23 14.81
CA PRO D 235 19.67 10.39 16.18
C PRO D 235 20.53 11.38 16.96
N ALA D 236 19.91 12.15 17.85
CA ALA D 236 20.59 13.13 18.73
C ALA D 236 21.17 12.42 19.96
N GLY D 237 20.61 11.26 20.34
CA GLY D 237 21.01 10.49 21.54
C GLY D 237 19.96 10.57 22.64
N ASP D 238 18.95 11.44 22.45
CA ASP D 238 17.98 11.86 23.50
C ASP D 238 16.58 11.44 23.06
N GLY D 239 16.48 10.59 22.04
CA GLY D 239 15.20 10.10 21.47
C GLY D 239 14.66 10.97 20.34
N THR D 240 15.25 12.14 20.07
CA THR D 240 14.88 13.00 18.92
C THR D 240 15.89 12.82 17.79
N PHE D 241 15.59 13.39 16.61
CA PHE D 241 16.39 13.24 15.37
C PHE D 241 16.82 14.61 14.82
N GLN D 242 17.82 14.58 13.94
CA GLN D 242 18.43 15.76 13.27
C GLN D 242 18.56 15.48 11.76
N LYS D 243 18.50 16.52 10.94
CA LYS D 243 18.84 16.43 9.51
C LYS D 243 19.20 17.82 9.02
N TRP D 244 20.00 17.90 7.96
CA TRP D 244 20.19 19.15 7.20
C TRP D 244 20.29 18.86 5.70
N ALA D 245 20.05 19.91 4.90
CA ALA D 245 20.21 19.94 3.43
C ALA D 245 20.92 21.22 3.08
N ALA D 246 21.83 21.17 2.10
CA ALA D 246 22.70 22.30 1.71
C ALA D 246 22.69 22.50 0.21
N VAL D 247 22.92 23.72 -0.21
CA VAL D 247 23.08 24.11 -1.63
C VAL D 247 24.25 25.07 -1.72
N VAL D 248 25.11 24.91 -2.71
CA VAL D 248 26.10 25.94 -3.07
C VAL D 248 25.42 26.91 -4.02
N VAL D 249 25.59 28.20 -3.75
CA VAL D 249 24.78 29.31 -4.31
C VAL D 249 25.73 30.38 -4.83
N PRO D 250 25.40 31.13 -5.91
CA PRO D 250 26.20 32.29 -6.28
C PRO D 250 26.06 33.30 -5.15
N SER D 251 27.19 33.69 -4.54
CA SER D 251 27.24 34.72 -3.47
C SER D 251 26.57 35.99 -3.99
N GLY D 252 25.67 36.57 -3.20
CA GLY D 252 24.85 37.74 -3.57
C GLY D 252 23.53 37.35 -4.21
N GLU D 253 23.21 36.05 -4.27
CA GLU D 253 21.94 35.54 -4.87
C GLU D 253 21.25 34.59 -3.88
N GLU D 254 21.57 34.72 -2.58
CA GLU D 254 21.06 33.87 -1.47
C GLU D 254 19.52 33.94 -1.42
N GLN D 255 19.00 35.12 -1.77
CA GLN D 255 17.56 35.51 -1.65
C GLN D 255 16.68 34.62 -2.55
N ARG D 256 17.23 34.11 -3.66
CA ARG D 256 16.51 33.27 -4.66
C ARG D 256 16.16 31.90 -4.06
N TYR D 257 16.83 31.51 -2.97
CA TYR D 257 16.79 30.13 -2.44
C TYR D 257 15.86 30.08 -1.22
N THR D 258 14.90 29.15 -1.28
CA THR D 258 13.94 28.77 -0.20
C THR D 258 14.17 27.31 0.18
N CYS D 259 14.18 27.02 1.47
CA CYS D 259 14.25 25.67 2.04
C CYS D 259 12.87 25.29 2.56
N HIS D 260 12.44 24.04 2.33
CA HIS D 260 11.07 23.57 2.65
C HIS D 260 11.15 22.36 3.57
N VAL D 261 10.40 22.39 4.68
CA VAL D 261 10.42 21.34 5.74
C VAL D 261 9.02 20.74 5.88
N GLN D 262 8.93 19.42 5.72
CA GLN D 262 7.71 18.61 5.91
C GLN D 262 7.94 17.62 7.05
N HIS D 263 7.08 17.67 8.06
CA HIS D 263 7.13 16.80 9.26
C HIS D 263 5.73 16.69 9.84
N GLU D 264 5.36 15.48 10.27
CA GLU D 264 4.08 15.09 10.90
C GLU D 264 3.63 16.13 11.96
N GLY D 265 4.59 16.70 12.70
CA GLY D 265 4.35 17.62 13.83
C GLY D 265 4.24 19.10 13.43
N LEU D 266 4.40 19.43 12.13
CA LEU D 266 4.08 20.78 11.59
C LEU D 266 2.67 20.74 11.04
N PRO D 267 1.76 21.62 11.50
CA PRO D 267 0.41 21.67 10.96
C PRO D 267 0.43 22.12 9.49
N LYS D 268 1.58 22.59 9.02
CA LYS D 268 1.75 23.19 7.68
C LYS D 268 3.23 23.22 7.36
N PRO D 269 3.64 22.92 6.11
CA PRO D 269 5.03 22.97 5.72
C PRO D 269 5.64 24.35 5.95
N LEU D 270 6.91 24.39 6.38
CA LEU D 270 7.70 25.63 6.66
C LEU D 270 8.58 25.94 5.44
N THR D 271 8.63 27.22 5.07
CA THR D 271 9.56 27.79 4.07
C THR D 271 10.58 28.68 4.82
N LEU D 272 11.87 28.37 4.74
CA LEU D 272 12.96 29.23 5.29
C LEU D 272 13.70 29.90 4.14
N ARG D 273 14.01 31.18 4.31
CA ARG D 273 14.82 31.99 3.37
C ARG D 273 15.93 32.69 4.18
N TRP D 274 17.05 33.03 3.53
CA TRP D 274 18.19 33.71 4.19
C TRP D 274 17.78 35.13 4.58
N GLU D 275 17.75 35.42 5.88
CA GLU D 275 17.66 36.81 6.44
C GLU D 275 18.89 37.07 7.33
N PRO D 276 19.96 37.73 6.80
CA PRO D 276 21.13 38.09 7.62
C PRO D 276 20.77 38.88 8.88
N MET E 1 27.84 -13.21 -0.53
CA MET E 1 27.91 -12.22 0.57
C MET E 1 28.14 -10.83 -0.01
N ILE E 2 27.16 -9.95 0.19
CA ILE E 2 27.31 -8.50 -0.07
C ILE E 2 28.00 -7.83 1.14
N GLN E 3 28.82 -6.83 0.84
CA GLN E 3 29.52 -5.96 1.81
C GLN E 3 29.16 -4.50 1.51
N ARG E 4 28.84 -3.73 2.55
CA ARG E 4 28.50 -2.29 2.42
C ARG E 4 29.41 -1.47 3.33
N THR E 5 30.00 -0.40 2.80
CA THR E 5 30.98 0.41 3.53
C THR E 5 30.20 1.39 4.41
N PRO E 6 30.58 1.57 5.68
CA PRO E 6 29.86 2.48 6.56
C PRO E 6 29.86 3.92 6.09
N LYS E 7 28.74 4.59 6.29
CA LYS E 7 28.61 6.06 6.26
C LYS E 7 28.84 6.55 7.69
N ILE E 8 29.47 7.72 7.84
CA ILE E 8 29.89 8.25 9.16
C ILE E 8 29.47 9.70 9.27
N GLN E 9 28.74 10.03 10.33
CA GLN E 9 28.45 11.42 10.75
C GLN E 9 28.95 11.58 12.18
N VAL E 10 29.68 12.68 12.45
CA VAL E 10 30.09 13.07 13.81
C VAL E 10 29.54 14.49 14.06
N TYR E 11 28.83 14.67 15.17
CA TYR E 11 27.98 15.85 15.45
C TYR E 11 27.70 15.90 16.95
N SER E 12 27.35 17.07 17.46
CA SER E 12 26.95 17.30 18.87
C SER E 12 25.44 17.06 19.00
N ARG E 13 24.96 16.71 20.18
CA ARG E 13 23.50 16.60 20.44
C ARG E 13 22.84 17.98 20.30
N HIS E 14 23.45 19.02 20.86
CA HIS E 14 22.95 20.41 20.78
C HIS E 14 23.98 21.24 20.03
N PRO E 15 23.60 22.43 19.51
CA PRO E 15 24.58 23.37 18.99
C PRO E 15 25.71 23.60 20.01
N ALA E 16 26.96 23.31 19.59
CA ALA E 16 28.20 23.61 20.33
C ALA E 16 28.13 25.04 20.86
N GLU E 17 28.40 25.20 22.15
CA GLU E 17 28.79 26.48 22.79
C GLU E 17 30.03 26.19 23.64
N ASN E 18 31.15 26.86 23.38
CA ASN E 18 32.46 26.56 24.01
C ASN E 18 32.28 26.64 25.54
N GLY E 19 32.58 25.55 26.23
CA GLY E 19 32.49 25.47 27.70
C GLY E 19 31.10 25.12 28.20
N LYS E 20 30.19 24.67 27.34
CA LYS E 20 28.86 24.16 27.80
C LYS E 20 28.83 22.64 27.73
N SER E 21 28.32 22.00 28.80
CA SER E 21 27.99 20.54 28.87
C SER E 21 27.13 20.10 27.65
N ASN E 22 27.63 19.15 26.87
CA ASN E 22 27.01 18.67 25.60
C ASN E 22 27.32 17.17 25.48
N PHE E 23 26.92 16.54 24.37
CA PHE E 23 27.26 15.15 24.00
C PHE E 23 27.86 15.12 22.60
N LEU E 24 28.94 14.38 22.40
CA LEU E 24 29.54 14.14 21.06
C LEU E 24 29.05 12.77 20.56
N ASN E 25 28.43 12.75 19.38
CA ASN E 25 27.86 11.55 18.71
C ASN E 25 28.72 11.18 17.49
N CYS E 26 28.96 9.87 17.31
CA CYS E 26 29.39 9.27 16.01
C CYS E 26 28.34 8.21 15.57
N TYR E 27 27.58 8.54 14.52
CA TYR E 27 26.54 7.69 13.87
C TYR E 27 27.17 6.99 12.67
N VAL E 28 27.27 5.67 12.72
CA VAL E 28 27.74 4.85 11.58
C VAL E 28 26.55 4.02 11.08
N SER E 29 26.31 4.04 9.77
CA SER E 29 25.09 3.49 9.16
C SER E 29 25.43 2.87 7.82
N GLY E 30 24.52 2.02 7.35
CA GLY E 30 24.50 1.53 5.98
C GLY E 30 25.52 0.44 5.72
N PHE E 31 26.07 -0.21 6.76
CA PHE E 31 27.24 -1.11 6.60
C PHE E 31 26.84 -2.58 6.79
N HIS E 32 27.65 -3.48 6.24
CA HIS E 32 27.47 -4.95 6.31
C HIS E 32 28.80 -5.61 5.96
N PRO E 33 29.28 -6.60 6.74
CA PRO E 33 28.60 -7.08 7.95
C PRO E 33 28.71 -6.13 9.17
N SER E 34 28.37 -6.65 10.35
CA SER E 34 28.06 -5.86 11.57
C SER E 34 29.34 -5.61 12.42
N ASP E 35 30.36 -6.45 12.27
CA ASP E 35 31.72 -6.23 12.84
C ASP E 35 32.22 -4.83 12.51
N ILE E 36 32.42 -3.97 13.50
CA ILE E 36 32.93 -2.59 13.27
C ILE E 36 33.60 -2.09 14.55
N GLU E 37 34.68 -1.33 14.40
CA GLU E 37 35.38 -0.68 15.53
C GLU E 37 35.17 0.84 15.41
N VAL E 38 34.73 1.47 16.50
CA VAL E 38 34.52 2.94 16.55
C VAL E 38 35.17 3.50 17.82
N ASP E 39 36.01 4.51 17.62
CA ASP E 39 36.61 5.31 18.71
C ASP E 39 36.26 6.78 18.45
N LEU E 40 35.92 7.51 19.50
CA LEU E 40 35.89 8.97 19.51
C LEU E 40 37.23 9.50 20.02
N LEU E 41 37.78 10.48 19.31
CA LEU E 41 39.11 11.03 19.59
C LEU E 41 38.95 12.48 20.06
N LYS E 42 39.75 12.87 21.04
CA LYS E 42 40.12 14.27 21.34
C LYS E 42 41.60 14.43 20.97
N ASN E 43 41.90 15.25 19.95
CA ASN E 43 43.26 15.60 19.45
C ASN E 43 44.09 14.31 19.18
N GLY E 44 43.45 13.22 18.76
CA GLY E 44 44.14 11.99 18.31
C GLY E 44 44.14 10.88 19.36
N GLU E 45 43.60 11.14 20.56
CA GLU E 45 43.59 10.20 21.73
C GLU E 45 42.17 9.68 22.00
N ARG E 46 42.03 8.39 22.32
CA ARG E 46 40.73 7.72 22.60
C ARG E 46 40.05 8.40 23.80
N ILE E 47 38.74 8.63 23.74
CA ILE E 47 37.96 9.14 24.92
C ILE E 47 37.64 7.95 25.85
N GLU E 48 37.55 8.24 27.17
CA GLU E 48 37.79 7.29 28.30
C GLU E 48 36.79 6.12 28.28
N LYS E 49 35.47 6.39 28.21
CA LYS E 49 34.43 5.39 27.80
C LYS E 49 33.48 6.03 26.81
N VAL E 50 33.64 5.69 25.55
CA VAL E 50 32.60 5.84 24.50
C VAL E 50 31.59 4.70 24.72
N GLU E 51 30.31 5.01 24.90
CA GLU E 51 29.24 3.98 24.95
C GLU E 51 28.34 4.13 23.71
N HIS E 52 27.63 3.05 23.36
CA HIS E 52 27.04 2.81 22.01
C HIS E 52 25.64 2.19 22.15
N SER E 53 24.82 2.39 21.12
CA SER E 53 23.46 1.84 21.00
C SER E 53 23.55 0.33 20.75
N ASP E 54 22.41 -0.35 20.79
CA ASP E 54 22.31 -1.81 20.52
C ASP E 54 22.21 -2.02 19.00
N LEU E 55 22.91 -3.00 18.46
CA LEU E 55 22.95 -3.25 17.02
C LEU E 55 21.50 -3.36 16.50
N SER E 56 21.13 -2.47 15.58
CA SER E 56 19.88 -2.56 14.80
C SER E 56 20.23 -2.38 13.32
N PHE E 57 19.22 -2.46 12.45
CA PHE E 57 19.40 -2.37 11.00
C PHE E 57 18.14 -1.78 10.35
N SER E 58 18.35 -1.27 9.14
CA SER E 58 17.39 -0.52 8.30
C SER E 58 16.69 -1.49 7.35
N LYS E 59 15.86 -0.95 6.47
CA LYS E 59 14.99 -1.70 5.55
C LYS E 59 15.83 -2.63 4.65
N ASP E 60 17.01 -2.18 4.21
CA ASP E 60 17.93 -2.90 3.28
C ASP E 60 18.87 -3.85 4.06
N TRP E 61 18.62 -4.03 5.37
CA TRP E 61 19.33 -4.98 6.27
C TRP E 61 20.68 -4.41 6.73
N SER E 62 21.00 -3.18 6.38
CA SER E 62 22.34 -2.62 6.68
C SER E 62 22.31 -2.05 8.09
N PHE E 63 23.42 -2.15 8.81
CA PHE E 63 23.48 -1.93 10.28
C PHE E 63 23.72 -0.48 10.59
N TYR E 64 23.31 -0.05 11.78
CA TYR E 64 23.54 1.32 12.30
C TYR E 64 23.80 1.30 13.81
N LEU E 65 24.75 2.14 14.24
CA LEU E 65 25.14 2.35 15.65
C LEU E 65 25.39 3.84 15.92
N LEU E 66 24.94 4.29 17.09
CA LEU E 66 25.37 5.54 17.73
C LEU E 66 26.40 5.24 18.82
N TYR E 67 27.56 5.90 18.74
CA TYR E 67 28.55 6.02 19.84
C TYR E 67 28.52 7.45 20.36
N TYR E 68 28.57 7.62 21.69
CA TYR E 68 28.31 8.91 22.34
C TYR E 68 29.10 8.98 23.66
N THR E 69 29.51 10.18 23.99
CA THR E 69 30.10 10.55 25.30
C THR E 69 29.70 11.99 25.61
N GLU E 70 29.43 12.29 26.88
CA GLU E 70 29.40 13.68 27.39
C GLU E 70 30.75 14.32 27.03
N PHE E 71 30.76 15.61 26.68
CA PHE E 71 32.00 16.39 26.44
C PHE E 71 31.68 17.88 26.54
N THR E 72 32.74 18.67 26.68
CA THR E 72 32.70 20.13 26.72
C THR E 72 33.61 20.68 25.62
N PRO E 73 33.02 21.12 24.49
CA PRO E 73 33.80 21.61 23.35
C PRO E 73 34.55 22.89 23.76
N THR E 74 35.75 23.09 23.21
CA THR E 74 36.58 24.32 23.36
C THR E 74 36.87 24.89 21.98
N GLU E 75 37.45 26.09 21.88
CA GLU E 75 37.76 26.74 20.57
C GLU E 75 38.76 25.88 19.79
N LYS E 76 39.71 25.22 20.49
CA LYS E 76 40.93 24.62 19.89
C LYS E 76 40.94 23.09 19.98
N ASP E 77 40.22 22.47 20.93
CA ASP E 77 40.16 20.98 21.08
C ASP E 77 39.52 20.36 19.83
N GLU E 78 40.25 19.49 19.13
CA GLU E 78 39.78 18.81 17.88
C GLU E 78 39.22 17.42 18.22
N TYR E 79 37.96 17.19 17.86
CA TYR E 79 37.26 15.91 18.10
C TYR E 79 37.09 15.20 16.75
N ALA E 80 37.18 13.86 16.74
CA ALA E 80 37.05 13.06 15.50
C ALA E 80 36.49 11.67 15.82
N CYS E 81 36.09 10.95 14.77
CA CYS E 81 35.60 9.57 14.85
C CYS E 81 36.47 8.68 13.95
N ARG E 82 37.01 7.60 14.50
CA ARG E 82 37.83 6.61 13.75
C ARG E 82 37.03 5.31 13.61
N VAL E 83 36.81 4.88 12.37
CA VAL E 83 36.00 3.69 12.03
C VAL E 83 36.89 2.72 11.26
N ASN E 84 36.89 1.46 11.72
CA ASN E 84 37.48 0.31 10.99
C ASN E 84 36.37 -0.70 10.66
N HIS E 85 36.42 -1.25 9.45
CA HIS E 85 35.45 -2.20 8.86
C HIS E 85 36.15 -3.01 7.75
N VAL E 86 35.67 -4.22 7.49
CA VAL E 86 36.23 -5.18 6.51
C VAL E 86 36.29 -4.49 5.13
N THR E 87 35.42 -3.51 4.86
CA THR E 87 35.37 -2.77 3.57
C THR E 87 36.47 -1.70 3.50
N LEU E 88 37.07 -1.30 4.62
CA LEU E 88 38.07 -0.21 4.66
C LEU E 88 39.49 -0.80 4.70
N SER E 89 40.32 -0.46 3.72
CA SER E 89 41.74 -0.88 3.61
C SER E 89 42.55 -0.25 4.75
N GLN E 90 42.08 0.88 5.28
CA GLN E 90 42.61 1.48 6.54
C GLN E 90 41.54 2.31 7.23
N PRO E 91 41.70 2.57 8.54
CA PRO E 91 40.66 3.25 9.31
C PRO E 91 40.30 4.58 8.66
N LYS E 92 39.01 4.92 8.67
CA LYS E 92 38.47 6.25 8.28
C LYS E 92 38.41 7.12 9.53
N ILE E 93 39.08 8.26 9.49
CA ILE E 93 38.94 9.33 10.51
C ILE E 93 38.08 10.43 9.90
N VAL E 94 37.01 10.81 10.60
CA VAL E 94 36.19 12.01 10.26
C VAL E 94 36.30 12.97 11.42
N LYS E 95 36.78 14.18 11.14
CA LYS E 95 36.96 15.28 12.12
C LYS E 95 35.59 15.93 12.34
N TRP E 96 35.24 16.22 13.61
CA TRP E 96 33.98 16.91 13.96
C TRP E 96 34.04 18.34 13.43
N ASP E 97 33.05 18.71 12.61
CA ASP E 97 32.79 20.10 12.19
C ASP E 97 31.50 20.54 12.89
N ARG E 98 31.60 21.54 13.80
CA ARG E 98 30.46 22.00 14.63
C ARG E 98 29.33 22.53 13.72
N ASP E 99 29.64 22.88 12.47
CA ASP E 99 28.65 23.40 11.50
C ASP E 99 28.08 22.28 10.59
N MET E 100 28.27 21.00 10.94
CA MET E 100 27.78 19.87 10.10
C MET E 100 27.16 18.75 10.96
N GLN F 1 5.97 -7.77 22.40
CA GLN F 1 5.66 -9.15 22.86
C GLN F 1 6.01 -10.15 21.75
N LEU F 2 7.02 -10.99 22.00
CA LEU F 2 7.59 -11.94 21.00
C LEU F 2 6.60 -13.07 20.78
N PRO F 3 6.70 -13.72 19.63
CA PRO F 3 6.00 -14.98 19.44
C PRO F 3 6.67 -16.16 20.17
N ARG F 4 5.96 -17.29 20.23
CA ARG F 4 6.44 -18.58 20.79
C ARG F 4 7.16 -19.40 19.69
N LEU F 5 6.76 -19.24 18.42
CA LEU F 5 7.27 -20.08 17.28
C LEU F 5 8.39 -19.36 16.58
N PHE F 6 9.50 -20.07 16.48
CA PHE F 6 10.65 -19.65 15.65
C PHE F 6 10.96 -20.83 14.75
N PRO F 7 10.79 -20.68 13.44
CA PRO F 7 10.86 -21.82 12.54
C PRO F 7 12.30 -22.11 12.07
N LEU F 8 12.60 -23.39 11.77
CA LEU F 8 13.83 -23.91 11.13
C LEU F 8 13.78 -23.65 9.63
N LEU F 9 14.86 -23.13 9.05
CA LEU F 9 15.08 -22.95 7.60
C LEU F 9 15.14 -24.35 6.97
#